data_4OFQ
#
_entry.id   4OFQ
#
_cell.length_a   99.002
_cell.length_b   104.979
_cell.length_c   74.442
_cell.angle_alpha   90.00
_cell.angle_beta   90.00
_cell.angle_gamma   90.00
#
_symmetry.space_group_name_H-M   'P 21 21 2'
#
loop_
_entity.id
_entity.type
_entity.pdbx_description
1 polymer 'Putative cell surface protein'
2 non-polymer 'CALCIUM ION'
3 water water
#
_entity_poly.entity_id   1
_entity_poly.type   'polypeptide(L)'
_entity_poly.pdbx_seq_one_letter_code
;MKHHHHHHPMDNLIQPTKTIVDDKGQSIDGKSVLPNSTLTYVAKQDFDQYKGMTAAKESVMKGFIYVDDYKDEAIDGHSL
VVNSIKAANGDDVTNLLEMRHVLSQDTLDDKLKALIKASGISPVGEFYMWVAKDPAAFYKAYVQKGLDITYNLSFKLKQD
FKKGDITNQTYQIDFGNGYYGNIVVNHLSELTVHKDVFDKEGGQSINAGTVKVGDEVTYRLEGWVVPTNRGYDLTEYKFV
DQLQHTHDLYQKDKVLATVDITLSDGSVITKGTDLAKYTETVYNKETGHYELAFKQDFLAKVVRSSEFGADAFVVVKRIK
AGDVANEYTLYVNGNPVKSNKVTTHTP
;
_entity_poly.pdbx_strand_id   A,B
#
loop_
_chem_comp.id
_chem_comp.type
_chem_comp.name
_chem_comp.formula
CA non-polymer 'CALCIUM ION' 'Ca 2'
#
# COMPACT_ATOMS: atom_id res chain seq x y z
N MET A 10 7.92 -16.67 24.80
CA MET A 10 7.06 -17.23 23.76
C MET A 10 6.54 -16.18 22.80
N ASP A 11 6.80 -14.91 23.10
CA ASP A 11 6.34 -13.80 22.26
C ASP A 11 6.85 -13.92 20.82
N ASN A 12 8.07 -14.40 20.67
CA ASN A 12 8.64 -14.61 19.34
C ASN A 12 8.64 -16.08 18.91
N LEU A 13 7.91 -16.92 19.67
CA LEU A 13 7.79 -18.34 19.36
C LEU A 13 6.36 -18.69 18.92
N ILE A 14 5.43 -17.76 19.14
CA ILE A 14 4.09 -17.91 18.61
C ILE A 14 3.97 -16.95 17.42
N GLN A 15 3.75 -17.51 16.23
CA GLN A 15 3.87 -16.71 15.02
C GLN A 15 2.84 -17.14 13.98
N PRO A 16 1.68 -16.49 13.98
CA PRO A 16 0.72 -16.69 12.88
C PRO A 16 1.35 -16.20 11.59
N THR A 17 1.03 -16.84 10.48
CA THR A 17 1.65 -16.46 9.22
C THR A 17 0.58 -16.45 8.15
N LYS A 18 0.84 -15.73 7.05
CA LYS A 18 0.04 -15.93 5.85
C LYS A 18 0.96 -15.84 4.63
N THR A 19 0.58 -16.56 3.57
CA THR A 19 1.23 -16.42 2.28
C THR A 19 0.15 -16.37 1.20
N ILE A 20 0.53 -15.95 -0.01
CA ILE A 20 -0.39 -15.97 -1.13
C ILE A 20 0.27 -16.88 -2.18
N VAL A 21 -0.52 -17.71 -2.85
CA VAL A 21 0.05 -18.75 -3.71
C VAL A 21 -0.54 -18.71 -5.12
N ASP A 22 0.26 -19.11 -6.10
CA ASP A 22 -0.25 -19.15 -7.47
C ASP A 22 -0.96 -20.47 -7.74
N ASP A 23 -1.30 -20.70 -9.01
CA ASP A 23 -2.02 -21.89 -9.44
C ASP A 23 -1.20 -23.16 -9.31
N LYS A 24 0.11 -23.01 -9.08
CA LYS A 24 0.98 -24.16 -8.82
C LYS A 24 1.45 -24.25 -7.37
N GLY A 25 0.80 -23.50 -6.48
CA GLY A 25 1.09 -23.54 -5.06
C GLY A 25 2.37 -22.87 -4.65
N GLN A 26 2.94 -22.08 -5.55
CA GLN A 26 4.18 -21.34 -5.26
C GLN A 26 3.85 -19.99 -4.65
N SER A 27 4.65 -19.54 -3.69
CA SER A 27 4.41 -18.23 -3.08
C SER A 27 4.61 -17.08 -4.07
N ILE A 28 3.65 -16.15 -4.09
CA ILE A 28 3.75 -14.96 -4.91
C ILE A 28 3.65 -13.69 -4.08
N ASP A 29 4.01 -13.80 -2.80
CA ASP A 29 4.14 -12.64 -1.93
C ASP A 29 5.11 -11.67 -2.62
N GLY A 30 4.70 -10.41 -2.71
CA GLY A 30 5.54 -9.37 -3.28
C GLY A 30 5.39 -9.22 -4.79
N LYS A 31 4.56 -10.03 -5.43
CA LYS A 31 4.43 -10.03 -6.89
C LYS A 31 3.21 -9.25 -7.38
N SER A 32 3.24 -8.82 -8.64
CA SER A 32 2.11 -8.09 -9.19
C SER A 32 0.99 -9.04 -9.65
N VAL A 33 -0.23 -8.53 -9.62
CA VAL A 33 -1.42 -9.28 -10.01
C VAL A 33 -2.27 -8.38 -10.91
N LEU A 34 -3.37 -8.91 -11.41
CA LEU A 34 -4.25 -8.20 -12.35
C LEU A 34 -5.59 -7.87 -11.68
N PRO A 35 -6.34 -6.89 -12.23
CA PRO A 35 -7.60 -6.46 -11.62
C PRO A 35 -8.59 -7.62 -11.36
N ASN A 36 -8.66 -8.56 -12.29
CA ASN A 36 -9.58 -9.68 -12.15
C ASN A 36 -8.98 -10.91 -11.46
N SER A 37 -7.77 -10.77 -10.90
CA SER A 37 -7.10 -11.90 -10.22
C SER A 37 -7.86 -12.38 -9.00
N THR A 38 -7.78 -13.68 -8.74
CA THR A 38 -8.27 -14.24 -7.49
C THR A 38 -7.05 -14.36 -6.61
N LEU A 39 -7.12 -13.80 -5.40
CA LEU A 39 -6.03 -13.92 -4.46
C LEU A 39 -6.29 -15.06 -3.49
N THR A 40 -5.43 -16.08 -3.53
CA THR A 40 -5.59 -17.23 -2.65
C THR A 40 -4.51 -17.26 -1.60
N TYR A 41 -4.91 -17.08 -0.34
CA TYR A 41 -4.01 -17.06 0.78
C TYR A 41 -4.09 -18.35 1.56
N VAL A 42 -2.96 -18.74 2.14
CA VAL A 42 -2.92 -19.85 3.08
C VAL A 42 -2.40 -19.28 4.39
N ALA A 43 -3.22 -19.33 5.44
CA ALA A 43 -2.90 -18.71 6.70
C ALA A 43 -2.74 -19.78 7.76
N LYS A 44 -1.77 -19.59 8.64
CA LYS A 44 -1.54 -20.52 9.74
C LYS A 44 -1.90 -19.89 11.09
N GLN A 45 -2.62 -20.67 11.89
CA GLN A 45 -2.91 -20.34 13.28
C GLN A 45 -2.00 -21.25 14.11
N ASP A 46 -1.02 -20.65 14.77
CA ASP A 46 0.13 -21.38 15.31
C ASP A 46 -0.09 -21.80 16.77
N PHE A 47 -0.20 -23.10 17.00
CA PHE A 47 -0.45 -23.61 18.35
C PHE A 47 0.71 -24.43 18.86
N ASP A 48 1.74 -24.57 18.04
CA ASP A 48 2.88 -25.42 18.36
C ASP A 48 3.44 -25.23 19.78
N GLN A 49 3.60 -23.98 20.21
CA GLN A 49 4.20 -23.69 21.52
C GLN A 49 3.35 -24.21 22.69
N TYR A 50 2.06 -24.36 22.46
CA TYR A 50 1.13 -24.73 23.54
C TYR A 50 1.09 -26.23 23.83
N LYS A 51 1.71 -27.03 22.96
CA LYS A 51 1.65 -28.48 23.09
C LYS A 51 2.13 -28.99 24.44
N GLY A 52 1.32 -29.84 25.07
CA GLY A 52 1.71 -30.50 26.30
C GLY A 52 1.64 -29.63 27.54
N MET A 53 1.26 -28.36 27.40
CA MET A 53 1.13 -27.49 28.55
C MET A 53 -0.29 -27.54 29.10
N THR A 54 -0.47 -26.94 30.28
CA THR A 54 -1.80 -26.81 30.87
C THR A 54 -2.12 -25.36 31.19
N ALA A 55 -3.01 -24.76 30.41
CA ALA A 55 -3.45 -23.39 30.63
C ALA A 55 -4.49 -23.35 31.75
N ALA A 56 -4.51 -22.24 32.49
CA ALA A 56 -5.51 -22.05 33.54
C ALA A 56 -6.91 -22.00 32.93
N LYS A 57 -7.89 -22.54 33.67
CA LYS A 57 -9.27 -22.60 33.15
C LYS A 57 -9.79 -21.22 32.80
N GLU A 58 -9.45 -20.23 33.62
CA GLU A 58 -9.86 -18.86 33.36
C GLU A 58 -9.23 -18.28 32.10
N SER A 59 -8.01 -18.71 31.78
CA SER A 59 -7.35 -18.25 30.56
C SER A 59 -7.97 -18.91 29.34
N VAL A 60 -8.28 -20.19 29.46
CA VAL A 60 -8.94 -20.91 28.37
C VAL A 60 -10.27 -20.27 28.01
N MET A 61 -10.99 -19.80 29.02
CA MET A 61 -12.28 -19.15 28.81
C MET A 61 -12.21 -17.92 27.92
N LYS A 62 -11.02 -17.33 27.78
CA LYS A 62 -10.84 -16.18 26.91
C LYS A 62 -10.77 -16.60 25.44
N GLY A 63 -10.56 -17.90 25.21
CA GLY A 63 -10.81 -18.49 23.91
C GLY A 63 -9.71 -18.31 22.89
N PHE A 64 -10.05 -18.56 21.64
CA PHE A 64 -9.07 -18.58 20.56
C PHE A 64 -9.67 -17.92 19.36
N ILE A 65 -9.07 -16.80 18.96
CA ILE A 65 -9.60 -15.96 17.90
C ILE A 65 -8.54 -15.86 16.81
N TYR A 66 -8.96 -15.97 15.55
CA TYR A 66 -8.06 -15.73 14.43
C TYR A 66 -8.67 -14.62 13.58
N VAL A 67 -7.84 -13.69 13.12
CA VAL A 67 -8.34 -12.51 12.40
C VAL A 67 -7.66 -12.43 11.05
N ASP A 68 -8.42 -12.17 10.00
CA ASP A 68 -7.80 -11.85 8.74
C ASP A 68 -8.16 -10.41 8.42
N ASP A 69 -7.14 -9.57 8.44
CA ASP A 69 -7.27 -8.15 8.16
C ASP A 69 -6.83 -7.89 6.73
N TYR A 70 -7.80 -7.83 5.83
CA TYR A 70 -7.53 -7.53 4.43
C TYR A 70 -7.63 -6.04 4.23
N LYS A 71 -6.90 -5.50 3.25
CA LYS A 71 -7.01 -4.08 2.93
C LYS A 71 -8.37 -3.82 2.27
N ASP A 72 -9.27 -3.18 2.99
CA ASP A 72 -10.65 -3.11 2.52
C ASP A 72 -10.90 -2.15 1.35
N GLU A 73 -9.91 -1.31 1.04
CA GLU A 73 -9.97 -0.45 -0.14
C GLU A 73 -9.67 -1.24 -1.41
N ALA A 74 -8.96 -2.35 -1.24
CA ALA A 74 -8.44 -3.12 -2.36
C ALA A 74 -9.20 -4.42 -2.55
N ILE A 75 -9.29 -5.19 -1.47
CA ILE A 75 -9.94 -6.48 -1.50
C ILE A 75 -11.43 -6.32 -1.23
N ASP A 76 -12.26 -6.94 -2.05
CA ASP A 76 -13.69 -7.05 -1.76
C ASP A 76 -13.92 -8.11 -0.68
N GLY A 77 -14.10 -7.68 0.57
CA GLY A 77 -14.26 -8.65 1.65
C GLY A 77 -15.46 -9.59 1.48
N HIS A 78 -16.49 -9.09 0.81
CA HIS A 78 -17.69 -9.88 0.56
C HIS A 78 -17.52 -10.98 -0.49
N SER A 79 -16.36 -11.00 -1.15
CA SER A 79 -16.10 -12.03 -2.17
C SER A 79 -15.43 -13.26 -1.57
N LEU A 80 -15.13 -13.22 -0.28
CA LEU A 80 -14.40 -14.32 0.36
C LEU A 80 -15.03 -15.68 0.09
N VAL A 81 -14.21 -16.63 -0.35
CA VAL A 81 -14.60 -18.03 -0.39
C VAL A 81 -13.67 -18.77 0.56
N VAL A 82 -14.23 -19.45 1.56
CA VAL A 82 -13.40 -20.22 2.48
C VAL A 82 -13.23 -21.60 1.87
N ASN A 83 -12.06 -21.87 1.33
CA ASN A 83 -11.84 -23.16 0.68
C ASN A 83 -11.76 -24.30 1.70
N SER A 84 -11.08 -24.04 2.81
CA SER A 84 -11.02 -25.02 3.88
C SER A 84 -10.45 -24.37 5.13
N ILE A 85 -10.82 -24.90 6.29
CA ILE A 85 -10.14 -24.54 7.54
C ILE A 85 -9.91 -25.86 8.26
N LYS A 86 -8.64 -26.26 8.36
CA LYS A 86 -8.30 -27.60 8.81
C LYS A 86 -7.22 -27.63 9.85
N ALA A 87 -7.40 -28.49 10.84
CA ALA A 87 -6.37 -28.72 11.83
C ALA A 87 -5.29 -29.59 11.23
N ALA A 88 -4.12 -29.61 11.86
CA ALA A 88 -2.98 -30.41 11.39
C ALA A 88 -3.29 -31.91 11.31
N ASN A 89 -4.28 -32.37 12.06
CA ASN A 89 -4.64 -33.78 12.03
C ASN A 89 -5.65 -34.09 10.93
N GLY A 90 -5.93 -33.09 10.10
CA GLY A 90 -6.85 -33.25 9.00
C GLY A 90 -8.30 -32.87 9.30
N ASP A 91 -8.64 -32.65 10.56
CA ASP A 91 -10.02 -32.32 10.93
C ASP A 91 -10.52 -31.07 10.23
N ASP A 92 -11.74 -31.13 9.69
CA ASP A 92 -12.43 -29.93 9.23
C ASP A 92 -12.98 -29.23 10.47
N VAL A 93 -12.48 -28.03 10.76
CA VAL A 93 -12.88 -27.34 11.99
C VAL A 93 -13.81 -26.16 11.73
N THR A 94 -14.28 -26.03 10.50
CA THR A 94 -15.14 -24.90 10.13
C THR A 94 -16.37 -24.77 11.04
N ASN A 95 -16.97 -25.89 11.43
CA ASN A 95 -18.20 -25.83 12.23
C ASN A 95 -17.91 -25.58 13.72
N LEU A 96 -16.63 -25.51 14.07
CA LEU A 96 -16.24 -25.28 15.46
C LEU A 96 -15.93 -23.82 15.72
N LEU A 97 -16.01 -23.01 14.65
CA LEU A 97 -15.62 -21.60 14.70
C LEU A 97 -16.74 -20.69 14.23
N GLU A 98 -16.99 -19.62 14.98
CA GLU A 98 -17.88 -18.57 14.54
C GLU A 98 -17.13 -17.77 13.48
N MET A 99 -17.72 -17.64 12.30
CA MET A 99 -17.13 -16.79 11.28
C MET A 99 -17.87 -15.46 11.26
N ARG A 100 -17.16 -14.37 11.60
CA ARG A 100 -17.80 -13.06 11.72
C ARG A 100 -17.16 -12.06 10.76
N HIS A 101 -17.96 -11.50 9.85
CA HIS A 101 -17.45 -10.49 8.95
C HIS A 101 -17.67 -9.17 9.66
N VAL A 102 -16.60 -8.61 10.20
CA VAL A 102 -16.73 -7.37 10.97
C VAL A 102 -16.45 -6.13 10.11
N LEU A 103 -17.50 -5.37 9.82
CA LEU A 103 -17.36 -4.24 8.89
C LEU A 103 -16.88 -2.98 9.60
N SER A 104 -17.08 -2.96 10.91
CA SER A 104 -16.70 -1.83 11.75
C SER A 104 -16.72 -2.29 13.20
N GLN A 105 -15.81 -1.79 14.03
CA GLN A 105 -15.81 -2.21 15.42
C GLN A 105 -16.76 -1.38 16.27
N ASP A 106 -17.40 -0.38 15.68
CA ASP A 106 -18.20 0.59 16.47
C ASP A 106 -19.17 -0.07 17.44
N THR A 107 -19.95 -1.02 16.92
CA THR A 107 -20.91 -1.73 17.74
C THR A 107 -20.69 -3.24 17.71
N LEU A 108 -19.46 -3.65 17.42
CA LEU A 108 -19.06 -5.06 17.49
C LEU A 108 -19.40 -5.62 18.87
N ASP A 109 -19.87 -6.86 18.90
CA ASP A 109 -20.08 -7.63 20.13
C ASP A 109 -19.13 -7.19 21.24
N ASP A 110 -19.69 -6.68 22.33
CA ASP A 110 -18.87 -6.02 23.37
C ASP A 110 -17.77 -6.90 23.96
N LYS A 111 -18.07 -8.19 24.14
CA LYS A 111 -17.08 -9.12 24.65
C LYS A 111 -15.91 -9.30 23.69
N LEU A 112 -16.22 -9.48 22.42
CA LEU A 112 -15.17 -9.68 21.41
C LEU A 112 -14.38 -8.40 21.22
N LYS A 113 -15.06 -7.26 21.29
CA LYS A 113 -14.41 -5.97 21.12
C LYS A 113 -13.42 -5.73 22.27
N ALA A 114 -13.81 -6.09 23.48
CA ALA A 114 -12.94 -5.98 24.64
C ALA A 114 -11.74 -6.92 24.54
N LEU A 115 -11.98 -8.13 24.06
CA LEU A 115 -10.90 -9.08 23.80
C LEU A 115 -9.87 -8.54 22.81
N ILE A 116 -10.33 -8.01 21.69
CA ILE A 116 -9.42 -7.38 20.73
C ILE A 116 -8.62 -6.23 21.36
N LYS A 117 -9.32 -5.35 22.09
CA LYS A 117 -8.69 -4.19 22.73
C LYS A 117 -7.55 -4.58 23.68
N ALA A 118 -7.80 -5.60 24.47
CA ALA A 118 -6.85 -5.97 25.52
C ALA A 118 -5.73 -6.86 25.00
N SER A 119 -5.82 -7.29 23.75
CA SER A 119 -4.88 -8.25 23.19
C SER A 119 -3.55 -7.66 22.72
N GLY A 120 -3.53 -6.37 22.40
CA GLY A 120 -2.36 -5.77 21.81
C GLY A 120 -2.50 -5.70 20.29
N ILE A 121 -3.52 -6.40 19.78
CA ILE A 121 -3.79 -6.51 18.35
C ILE A 121 -4.64 -5.35 17.85
N SER A 122 -4.37 -4.90 16.62
CA SER A 122 -5.04 -3.70 16.09
C SER A 122 -5.44 -3.86 14.62
N PRO A 123 -6.55 -4.58 14.37
CA PRO A 123 -7.02 -4.69 12.98
C PRO A 123 -7.63 -3.40 12.48
N VAL A 124 -7.33 -3.04 11.23
CA VAL A 124 -7.76 -1.77 10.65
C VAL A 124 -8.94 -1.98 9.71
N GLY A 125 -9.98 -1.15 9.84
CA GLY A 125 -11.12 -1.23 8.94
C GLY A 125 -11.84 -2.56 9.03
N GLU A 126 -12.29 -3.08 7.90
CA GLU A 126 -13.02 -4.35 7.88
C GLU A 126 -12.08 -5.52 8.12
N PHE A 127 -12.58 -6.57 8.75
CA PHE A 127 -11.81 -7.79 8.89
C PHE A 127 -12.76 -8.97 9.10
N TYR A 128 -12.24 -10.18 8.92
CA TYR A 128 -12.96 -11.37 9.34
C TYR A 128 -12.33 -11.87 10.61
N MET A 129 -13.14 -12.42 11.51
N MET A 129 -13.16 -12.40 11.51
CA MET A 129 -12.57 -13.12 12.65
CA MET A 129 -12.63 -13.09 12.67
C MET A 129 -13.29 -14.43 12.91
C MET A 129 -13.28 -14.46 12.80
N TRP A 130 -12.49 -15.44 13.27
CA TRP A 130 -13.03 -16.78 13.56
C TRP A 130 -12.86 -17.02 15.06
N VAL A 131 -13.96 -17.38 15.74
CA VAL A 131 -13.96 -17.51 17.19
C VAL A 131 -14.30 -18.94 17.56
N ALA A 132 -13.47 -19.58 18.37
CA ALA A 132 -13.81 -20.93 18.83
C ALA A 132 -15.13 -20.90 19.62
N LYS A 133 -16.11 -21.68 19.16
CA LYS A 133 -17.42 -21.77 19.81
C LYS A 133 -17.37 -22.38 21.22
N ASP A 134 -16.45 -23.31 21.42
CA ASP A 134 -16.31 -24.04 22.68
C ASP A 134 -14.83 -24.03 23.06
N PRO A 135 -14.39 -22.96 23.75
CA PRO A 135 -12.98 -22.76 24.08
C PRO A 135 -12.35 -23.96 24.78
N ALA A 136 -13.04 -24.53 25.76
CA ALA A 136 -12.49 -25.68 26.48
C ALA A 136 -12.33 -26.88 25.54
N ALA A 137 -13.32 -27.16 24.71
CA ALA A 137 -13.24 -28.31 23.80
C ALA A 137 -12.16 -28.10 22.74
N PHE A 138 -12.09 -26.89 22.22
CA PHE A 138 -11.15 -26.54 21.17
C PHE A 138 -9.72 -26.58 21.71
N TYR A 139 -9.57 -26.15 22.96
CA TYR A 139 -8.28 -26.17 23.63
C TYR A 139 -7.78 -27.60 23.78
N LYS A 140 -8.66 -28.48 24.25
CA LYS A 140 -8.28 -29.86 24.48
C LYS A 140 -7.97 -30.60 23.17
N ALA A 141 -8.77 -30.35 22.15
CA ALA A 141 -8.64 -31.07 20.88
C ALA A 141 -7.47 -30.62 20.03
N TYR A 142 -7.22 -29.31 19.98
CA TYR A 142 -6.24 -28.76 19.04
C TYR A 142 -5.10 -27.98 19.70
N VAL A 143 -5.44 -26.99 20.51
CA VAL A 143 -4.43 -26.11 21.09
C VAL A 143 -3.41 -26.83 21.98
N GLN A 144 -3.93 -27.61 22.91
CA GLN A 144 -3.10 -28.34 23.88
C GLN A 144 -2.30 -29.47 23.20
N LYS A 145 -2.77 -29.89 22.03
CA LYS A 145 -2.04 -30.89 21.25
C LYS A 145 -1.06 -30.27 20.26
N GLY A 146 -1.01 -28.94 20.23
CA GLY A 146 -0.10 -28.24 19.34
C GLY A 146 -0.43 -28.43 17.87
N LEU A 147 -1.72 -28.58 17.57
CA LEU A 147 -2.17 -28.80 16.22
C LEU A 147 -2.57 -27.49 15.55
N ASP A 148 -1.70 -26.98 14.67
CA ASP A 148 -1.98 -25.74 13.96
C ASP A 148 -3.26 -25.83 13.13
N ILE A 149 -3.90 -24.69 12.94
CA ILE A 149 -5.05 -24.60 12.05
C ILE A 149 -4.60 -23.88 10.77
N THR A 150 -4.99 -24.43 9.62
CA THR A 150 -4.65 -23.83 8.33
C THR A 150 -5.91 -23.33 7.62
N TYR A 151 -5.91 -22.04 7.29
CA TYR A 151 -7.05 -21.42 6.61
C TYR A 151 -6.67 -21.22 5.14
N ASN A 152 -7.53 -21.68 4.24
CA ASN A 152 -7.30 -21.48 2.83
C ASN A 152 -8.43 -20.60 2.29
N LEU A 153 -8.09 -19.36 1.92
CA LEU A 153 -9.07 -18.30 1.70
C LEU A 153 -8.85 -17.66 0.34
N SER A 154 -9.93 -17.42 -0.41
CA SER A 154 -9.78 -16.72 -1.71
C SER A 154 -10.60 -15.44 -1.74
N PHE A 155 -9.97 -14.33 -2.16
CA PHE A 155 -10.65 -13.04 -2.31
C PHE A 155 -10.54 -12.54 -3.75
N LYS A 156 -11.54 -11.76 -4.18
CA LYS A 156 -11.42 -10.92 -5.37
C LYS A 156 -11.15 -9.45 -4.98
N LEU A 157 -10.64 -8.67 -5.93
CA LEU A 157 -10.43 -7.22 -5.73
C LEU A 157 -11.72 -6.43 -6.00
N LYS A 158 -11.84 -5.25 -5.39
CA LYS A 158 -12.94 -4.34 -5.72
C LYS A 158 -12.74 -3.81 -7.13
N GLN A 159 -13.79 -3.75 -7.93
CA GLN A 159 -13.59 -3.27 -9.30
C GLN A 159 -13.15 -1.81 -9.37
N ASP A 160 -13.47 -1.03 -8.34
CA ASP A 160 -13.09 0.40 -8.37
C ASP A 160 -11.68 0.67 -7.84
N PHE A 161 -11.00 -0.37 -7.39
CA PHE A 161 -9.61 -0.25 -7.00
C PHE A 161 -8.74 -0.50 -8.23
N LYS A 162 -8.21 0.59 -8.79
CA LYS A 162 -7.59 0.55 -10.12
C LYS A 162 -6.08 0.44 -10.03
N LYS A 163 -5.52 0.90 -8.91
CA LYS A 163 -4.08 0.86 -8.70
C LYS A 163 -3.77 1.00 -7.23
N GLY A 164 -2.58 0.57 -6.84
CA GLY A 164 -2.14 0.66 -5.48
C GLY A 164 -1.62 -0.69 -5.02
N ASP A 165 -1.36 -0.81 -3.72
CA ASP A 165 -0.93 -2.10 -3.21
C ASP A 165 -2.04 -2.79 -2.44
N ILE A 166 -1.94 -4.12 -2.40
CA ILE A 166 -2.90 -4.97 -1.73
C ILE A 166 -2.18 -5.57 -0.54
N THR A 167 -2.78 -5.49 0.64
CA THR A 167 -2.19 -6.08 1.83
C THR A 167 -3.16 -7.03 2.49
N ASN A 168 -2.63 -8.08 3.10
CA ASN A 168 -3.43 -8.99 3.90
C ASN A 168 -2.57 -9.37 5.10
N GLN A 169 -3.15 -9.32 6.29
CA GLN A 169 -2.40 -9.65 7.50
C GLN A 169 -3.32 -10.42 8.45
N THR A 170 -2.81 -11.49 9.06
CA THR A 170 -3.56 -12.15 10.11
C THR A 170 -3.07 -11.81 11.51
N TYR A 171 -3.92 -12.06 12.49
CA TYR A 171 -3.61 -11.93 13.89
C TYR A 171 -4.20 -13.15 14.58
N GLN A 172 -3.64 -13.48 15.73
CA GLN A 172 -4.07 -14.63 16.51
C GLN A 172 -4.20 -14.15 17.95
N ILE A 173 -5.33 -14.46 18.60
CA ILE A 173 -5.52 -14.09 19.99
C ILE A 173 -5.84 -15.34 20.79
N ASP A 174 -4.88 -15.76 21.62
CA ASP A 174 -4.99 -16.97 22.40
C ASP A 174 -5.01 -16.60 23.88
N PHE A 175 -6.00 -17.11 24.60
CA PHE A 175 -6.16 -16.81 26.01
C PHE A 175 -6.15 -15.30 26.25
N GLY A 176 -6.62 -14.53 25.26
CA GLY A 176 -6.57 -13.07 25.34
C GLY A 176 -5.26 -12.43 24.93
N ASN A 177 -4.24 -13.24 24.62
CA ASN A 177 -2.95 -12.70 24.18
C ASN A 177 -2.89 -12.54 22.67
N GLY A 178 -2.62 -11.34 22.18
CA GLY A 178 -2.54 -11.09 20.75
C GLY A 178 -1.16 -11.27 20.13
N TYR A 179 -1.13 -11.80 18.91
CA TYR A 179 0.11 -11.99 18.17
C TYR A 179 -0.06 -11.54 16.72
N TYR A 180 0.99 -10.96 16.15
CA TYR A 180 1.00 -10.37 14.81
C TYR A 180 1.55 -11.32 13.76
N GLY A 181 0.87 -11.42 12.62
CA GLY A 181 1.37 -12.15 11.47
C GLY A 181 2.12 -11.22 10.54
N ASN A 182 2.77 -11.79 9.52
CA ASN A 182 3.45 -11.00 8.49
C ASN A 182 2.46 -10.30 7.56
N ILE A 183 2.88 -9.18 6.97
CA ILE A 183 2.02 -8.51 6.01
C ILE A 183 2.31 -8.98 4.58
N VAL A 184 1.33 -9.68 3.98
CA VAL A 184 1.47 -10.10 2.60
C VAL A 184 1.12 -8.92 1.70
N VAL A 185 2.02 -8.60 0.78
CA VAL A 185 1.82 -7.45 -0.09
C VAL A 185 1.84 -7.85 -1.56
N ASN A 186 0.86 -7.36 -2.31
CA ASN A 186 0.90 -7.52 -3.76
C ASN A 186 0.58 -6.21 -4.45
N HIS A 187 1.22 -5.98 -5.60
CA HIS A 187 1.00 -4.75 -6.32
C HIS A 187 -0.03 -5.00 -7.41
N LEU A 188 -1.00 -4.12 -7.52
CA LEU A 188 -1.94 -4.18 -8.63
C LEU A 188 -1.39 -3.36 -9.79
N SER A 189 -1.06 -4.04 -10.89
CA SER A 189 -0.62 -3.35 -12.09
C SER A 189 -1.73 -2.45 -12.61
N GLU A 190 -1.39 -1.22 -12.97
CA GLU A 190 -2.36 -0.35 -13.61
C GLU A 190 -2.28 -0.63 -15.10
N LEU A 191 -3.39 -1.10 -15.66
N LEU A 191 -3.36 -1.14 -15.68
CA LEU A 191 -3.47 -1.47 -17.06
CA LEU A 191 -3.33 -1.48 -17.10
C LEU A 191 -3.88 -0.26 -17.89
C LEU A 191 -3.88 -0.34 -17.93
N THR A 192 -3.08 0.09 -18.90
CA THR A 192 -3.46 1.14 -19.85
C THR A 192 -2.98 0.72 -21.25
N VAL A 193 -3.74 1.10 -22.27
CA VAL A 193 -3.28 0.93 -23.64
C VAL A 193 -3.57 2.21 -24.42
N HIS A 194 -2.90 2.39 -25.54
N HIS A 194 -2.90 2.37 -25.54
CA HIS A 194 -3.05 3.62 -26.31
CA HIS A 194 -2.97 3.59 -26.33
C HIS A 194 -3.25 3.34 -27.79
C HIS A 194 -3.37 3.25 -27.76
N LYS A 195 -4.05 4.18 -28.43
CA LYS A 195 -4.25 4.06 -29.86
C LYS A 195 -3.77 5.34 -30.51
N ASP A 196 -3.05 5.22 -31.62
CA ASP A 196 -2.73 6.43 -32.38
C ASP A 196 -3.06 6.20 -33.84
N VAL A 197 -3.15 7.31 -34.57
CA VAL A 197 -3.42 7.23 -36.01
C VAL A 197 -2.33 8.03 -36.74
N PHE A 198 -1.76 7.41 -37.76
CA PHE A 198 -0.64 7.97 -38.51
C PHE A 198 -0.89 7.99 -40.00
N ASP A 199 -0.16 8.87 -40.67
N ASP A 199 -0.18 8.85 -40.72
CA ASP A 199 -0.06 8.88 -42.12
CA ASP A 199 -0.19 8.76 -42.18
C ASP A 199 0.68 7.63 -42.60
C ASP A 199 0.68 7.59 -42.62
N LYS A 200 1.66 7.22 -41.79
CA LYS A 200 2.50 6.07 -42.11
C LYS A 200 3.12 5.55 -40.84
N GLU A 201 3.47 4.26 -40.85
CA GLU A 201 3.96 3.57 -39.66
C GLU A 201 5.04 4.29 -38.84
N GLY A 202 6.03 4.88 -39.49
CA GLY A 202 7.08 5.59 -38.76
C GLY A 202 6.88 7.10 -38.72
N GLY A 203 5.67 7.56 -39.03
CA GLY A 203 5.41 8.98 -39.19
C GLY A 203 4.89 9.66 -37.92
N GLN A 204 4.31 10.84 -38.09
CA GLN A 204 3.79 11.63 -36.98
C GLN A 204 2.30 11.38 -36.82
N SER A 205 1.80 11.56 -35.60
CA SER A 205 0.37 11.44 -35.33
C SER A 205 -0.41 12.45 -36.14
N ILE A 206 -1.57 12.03 -36.64
CA ILE A 206 -2.47 12.89 -37.39
C ILE A 206 -3.84 12.92 -36.70
N ASN A 207 -3.87 12.62 -35.41
CA ASN A 207 -5.10 12.71 -34.61
C ASN A 207 -5.71 14.10 -34.76
N ALA A 208 -6.99 14.12 -35.13
CA ALA A 208 -7.76 15.35 -35.40
C ALA A 208 -7.39 16.05 -36.71
N GLY A 209 -6.56 15.39 -37.52
CA GLY A 209 -6.11 15.96 -38.78
C GLY A 209 -7.08 15.63 -39.89
N THR A 210 -6.72 15.99 -41.10
CA THR A 210 -7.60 15.79 -42.24
C THR A 210 -6.96 14.78 -43.17
N VAL A 211 -7.74 13.78 -43.54
CA VAL A 211 -7.27 12.71 -44.41
C VAL A 211 -8.03 12.75 -45.73
N LYS A 212 -7.30 12.93 -46.83
CA LYS A 212 -7.95 13.02 -48.14
C LYS A 212 -8.53 11.67 -48.53
N VAL A 213 -9.67 11.69 -49.21
CA VAL A 213 -10.33 10.45 -49.59
C VAL A 213 -9.43 9.60 -50.52
N GLY A 214 -9.44 8.28 -50.32
CA GLY A 214 -8.66 7.38 -51.14
C GLY A 214 -7.28 7.06 -50.59
N ASP A 215 -6.83 7.84 -49.61
CA ASP A 215 -5.52 7.65 -49.04
C ASP A 215 -5.53 6.59 -47.94
N GLU A 216 -4.34 6.13 -47.58
CA GLU A 216 -4.21 5.14 -46.52
C GLU A 216 -3.85 5.79 -45.20
N VAL A 217 -4.35 5.23 -44.11
CA VAL A 217 -3.84 5.60 -42.81
C VAL A 217 -3.54 4.34 -42.01
N THR A 218 -2.70 4.52 -41.01
CA THR A 218 -2.29 3.38 -40.19
C THR A 218 -2.68 3.62 -38.75
N TYR A 219 -3.37 2.67 -38.15
CA TYR A 219 -3.66 2.77 -36.72
C TYR A 219 -2.61 1.96 -35.97
N ARG A 220 -2.06 2.54 -34.91
CA ARG A 220 -1.21 1.77 -34.03
C ARG A 220 -1.97 1.42 -32.76
N LEU A 221 -2.12 0.12 -32.51
CA LEU A 221 -2.73 -0.34 -31.27
C LEU A 221 -1.61 -0.74 -30.33
N GLU A 222 -1.31 0.09 -29.35
CA GLU A 222 -0.16 -0.15 -28.47
C GLU A 222 -0.55 -1.05 -27.31
N GLY A 223 -0.01 -2.27 -27.28
CA GLY A 223 -0.34 -3.20 -26.21
C GLY A 223 0.35 -2.87 -24.90
N TRP A 224 -0.26 -3.30 -23.79
CA TRP A 224 0.31 -3.06 -22.48
C TRP A 224 1.47 -4.01 -22.30
N VAL A 225 2.54 -3.53 -21.67
CA VAL A 225 3.69 -4.40 -21.41
C VAL A 225 3.47 -5.16 -20.09
N VAL A 226 3.50 -6.49 -20.16
CA VAL A 226 3.36 -7.33 -18.99
C VAL A 226 4.71 -7.35 -18.27
N PRO A 227 4.73 -6.92 -17.01
CA PRO A 227 6.00 -6.72 -16.30
C PRO A 227 6.55 -8.00 -15.71
N THR A 228 7.84 -8.00 -15.40
CA THR A 228 8.46 -9.12 -14.71
C THR A 228 8.12 -9.04 -13.23
N ASN A 229 8.47 -10.09 -12.50
CA ASN A 229 8.09 -10.22 -11.09
C ASN A 229 6.57 -10.15 -10.89
N ARG A 230 5.86 -10.81 -11.79
CA ARG A 230 4.42 -10.94 -11.71
C ARG A 230 4.08 -12.29 -11.08
N GLY A 231 2.85 -12.44 -10.59
CA GLY A 231 2.42 -13.67 -9.95
C GLY A 231 1.54 -14.56 -10.82
N TYR A 232 1.66 -14.42 -12.13
CA TYR A 232 0.79 -15.13 -13.06
C TYR A 232 1.48 -15.38 -14.39
N ASP A 233 0.99 -16.38 -15.11
CA ASP A 233 1.41 -16.65 -16.48
C ASP A 233 0.36 -16.10 -17.44
N LEU A 234 0.68 -16.12 -18.72
CA LEU A 234 -0.20 -15.52 -19.73
C LEU A 234 -1.13 -16.52 -20.41
N THR A 235 -2.43 -16.25 -20.43
CA THR A 235 -3.39 -17.12 -21.13
C THR A 235 -4.15 -16.41 -22.26
N GLU A 236 -4.14 -15.08 -22.22
CA GLU A 236 -4.82 -14.28 -23.27
C GLU A 236 -4.12 -12.93 -23.46
N TYR A 237 -3.97 -12.53 -24.72
CA TYR A 237 -3.42 -11.23 -25.09
C TYR A 237 -3.97 -10.99 -26.49
N LYS A 238 -5.08 -10.26 -26.55
CA LYS A 238 -5.88 -10.14 -27.76
C LYS A 238 -6.28 -8.69 -28.01
N PHE A 239 -6.08 -8.24 -29.24
CA PHE A 239 -6.49 -6.89 -29.65
C PHE A 239 -7.86 -7.02 -30.30
N VAL A 240 -8.79 -6.17 -29.90
CA VAL A 240 -10.10 -6.12 -30.55
C VAL A 240 -10.41 -4.68 -31.01
N ASP A 241 -10.81 -4.53 -32.27
CA ASP A 241 -11.01 -3.18 -32.81
C ASP A 241 -12.22 -3.18 -33.74
N GLN A 242 -13.26 -2.44 -33.36
CA GLN A 242 -14.42 -2.27 -34.22
C GLN A 242 -14.15 -1.07 -35.12
N LEU A 243 -13.70 -1.34 -36.34
CA LEU A 243 -13.36 -0.26 -37.26
C LEU A 243 -14.63 0.39 -37.77
N GLN A 244 -14.57 1.69 -38.05
CA GLN A 244 -15.69 2.37 -38.67
C GLN A 244 -15.66 2.00 -40.15
N HIS A 245 -16.10 0.80 -40.48
CA HIS A 245 -15.94 0.27 -41.83
C HIS A 245 -16.79 0.95 -42.91
N THR A 246 -17.68 1.86 -42.52
CA THR A 246 -18.33 2.74 -43.49
C THR A 246 -17.31 3.68 -44.14
N HIS A 247 -16.24 3.98 -43.41
CA HIS A 247 -15.24 4.97 -43.87
C HIS A 247 -13.82 4.43 -43.99
N ASP A 248 -13.51 3.39 -43.23
CA ASP A 248 -12.17 2.80 -43.21
C ASP A 248 -12.24 1.40 -43.79
N LEU A 249 -11.49 1.16 -44.86
CA LEU A 249 -11.49 -0.17 -45.46
C LEU A 249 -10.19 -0.88 -45.11
N TYR A 250 -10.29 -1.89 -44.24
CA TYR A 250 -9.15 -2.71 -43.83
C TYR A 250 -8.32 -3.21 -45.01
N GLN A 251 -7.00 -3.04 -44.91
CA GLN A 251 -6.07 -3.52 -45.92
C GLN A 251 -5.23 -4.68 -45.39
N LYS A 252 -4.52 -4.44 -44.29
CA LYS A 252 -3.61 -5.45 -43.75
C LYS A 252 -3.19 -5.09 -42.34
N ASP A 253 -2.59 -6.04 -41.62
CA ASP A 253 -2.02 -5.70 -40.32
C ASP A 253 -0.59 -6.19 -40.19
N LYS A 254 -0.01 -5.88 -39.04
CA LYS A 254 1.31 -6.37 -38.67
C LYS A 254 1.36 -6.34 -37.16
N VAL A 255 2.14 -7.23 -36.54
CA VAL A 255 2.26 -7.21 -35.08
C VAL A 255 3.74 -7.42 -34.70
N LEU A 256 4.27 -6.53 -33.85
CA LEU A 256 5.69 -6.54 -33.51
C LEU A 256 5.93 -6.62 -32.01
N ALA A 257 6.99 -7.31 -31.62
CA ALA A 257 7.36 -7.35 -30.21
C ALA A 257 7.82 -5.96 -29.79
N THR A 258 7.38 -5.49 -28.63
CA THR A 258 7.84 -4.20 -28.12
C THR A 258 8.85 -4.32 -26.96
N VAL A 259 9.15 -5.55 -26.57
CA VAL A 259 10.21 -5.85 -25.60
C VAL A 259 10.89 -7.14 -26.03
N ASP A 260 12.08 -7.41 -25.50
CA ASP A 260 12.67 -8.73 -25.66
C ASP A 260 11.86 -9.76 -24.88
N ILE A 261 11.52 -10.87 -25.54
CA ILE A 261 10.68 -11.91 -24.95
C ILE A 261 11.47 -13.21 -24.82
N THR A 262 11.56 -13.74 -23.60
CA THR A 262 12.28 -14.99 -23.38
C THR A 262 11.29 -16.12 -23.18
N LEU A 263 11.51 -17.23 -23.88
CA LEU A 263 10.61 -18.39 -23.81
C LEU A 263 11.20 -19.44 -22.88
N SER A 264 10.42 -20.48 -22.58
CA SER A 264 10.82 -21.48 -21.60
C SER A 264 12.01 -22.33 -22.08
N ASP A 265 12.17 -22.43 -23.40
CA ASP A 265 13.28 -23.18 -23.96
C ASP A 265 14.58 -22.39 -23.92
N GLY A 266 14.52 -21.16 -23.39
CA GLY A 266 15.70 -20.32 -23.28
C GLY A 266 15.91 -19.40 -24.47
N SER A 267 15.14 -19.59 -25.54
CA SER A 267 15.29 -18.75 -26.73
C SER A 267 14.72 -17.35 -26.47
N VAL A 268 15.24 -16.36 -27.20
CA VAL A 268 14.81 -14.98 -27.03
C VAL A 268 14.26 -14.42 -28.33
N ILE A 269 13.11 -13.77 -28.25
CA ILE A 269 12.55 -13.04 -29.38
C ILE A 269 12.85 -11.57 -29.11
N THR A 270 13.64 -10.95 -29.97
CA THR A 270 14.08 -9.58 -29.72
C THR A 270 13.00 -8.55 -30.00
N LYS A 271 13.07 -7.45 -29.28
CA LYS A 271 12.20 -6.31 -29.53
C LYS A 271 12.26 -5.93 -31.00
N GLY A 272 11.09 -5.73 -31.62
CA GLY A 272 11.02 -5.37 -33.03
C GLY A 272 10.74 -6.54 -33.96
N THR A 273 10.82 -7.76 -33.44
CA THR A 273 10.58 -8.96 -34.23
C THR A 273 9.10 -9.11 -34.61
N ASP A 274 8.83 -9.51 -35.84
CA ASP A 274 7.50 -9.80 -36.31
C ASP A 274 6.88 -10.99 -35.57
N LEU A 275 5.69 -10.82 -35.02
CA LEU A 275 5.09 -11.91 -34.24
C LEU A 275 3.88 -12.55 -34.92
N ALA A 276 3.70 -12.32 -36.22
CA ALA A 276 2.52 -12.86 -36.92
C ALA A 276 2.32 -14.37 -36.73
N LYS A 277 3.40 -15.13 -36.79
CA LYS A 277 3.27 -16.58 -36.74
C LYS A 277 2.78 -17.12 -35.40
N TYR A 278 2.76 -16.24 -34.39
CA TYR A 278 2.30 -16.63 -33.06
C TYR A 278 0.88 -16.15 -32.83
N THR A 279 0.23 -15.64 -33.89
CA THR A 279 -1.08 -15.01 -33.74
C THR A 279 -2.05 -15.45 -34.82
N GLU A 280 -3.30 -15.04 -34.65
CA GLU A 280 -4.34 -15.25 -35.65
C GLU A 280 -5.10 -13.94 -35.81
N THR A 281 -5.23 -13.50 -37.06
CA THR A 281 -5.98 -12.29 -37.34
C THR A 281 -7.32 -12.68 -37.94
N VAL A 282 -8.40 -12.08 -37.44
CA VAL A 282 -9.69 -12.28 -38.07
C VAL A 282 -10.30 -10.91 -38.36
N TYR A 283 -10.65 -10.68 -39.62
CA TYR A 283 -11.39 -9.48 -39.95
C TYR A 283 -12.70 -9.83 -40.61
N ASN A 284 -13.77 -9.26 -40.08
CA ASN A 284 -15.11 -9.49 -40.62
C ASN A 284 -15.51 -8.32 -41.51
N LYS A 285 -15.50 -8.55 -42.81
CA LYS A 285 -15.74 -7.48 -43.80
C LYS A 285 -17.13 -6.87 -43.67
N GLU A 286 -18.09 -7.70 -43.30
CA GLU A 286 -19.47 -7.27 -43.19
C GLU A 286 -19.73 -6.39 -41.95
N THR A 287 -19.02 -6.65 -40.86
CA THR A 287 -19.29 -5.94 -39.63
C THR A 287 -18.20 -4.95 -39.22
N GLY A 288 -17.04 -5.04 -39.86
CA GLY A 288 -15.91 -4.18 -39.54
C GLY A 288 -15.14 -4.60 -38.30
N HIS A 289 -15.47 -5.77 -37.76
CA HIS A 289 -14.83 -6.25 -36.53
C HIS A 289 -13.47 -6.87 -36.80
N TYR A 290 -12.44 -6.32 -36.15
CA TYR A 290 -11.07 -6.78 -36.29
C TYR A 290 -10.57 -7.37 -34.97
N GLU A 291 -9.90 -8.51 -35.05
CA GLU A 291 -9.35 -9.15 -33.87
C GLU A 291 -7.97 -9.74 -34.19
N LEU A 292 -7.00 -9.52 -33.31
CA LEU A 292 -5.74 -10.26 -33.41
C LEU A 292 -5.44 -10.86 -32.05
N ALA A 293 -5.34 -12.19 -32.00
CA ALA A 293 -5.15 -12.91 -30.75
C ALA A 293 -3.85 -13.71 -30.77
N PHE A 294 -3.07 -13.57 -29.70
CA PHE A 294 -1.93 -14.45 -29.55
C PHE A 294 -2.37 -15.88 -29.25
N LYS A 295 -1.65 -16.86 -29.79
CA LYS A 295 -2.00 -18.26 -29.54
C LYS A 295 -1.65 -18.66 -28.11
N GLN A 296 -2.53 -19.41 -27.46
CA GLN A 296 -2.29 -19.83 -26.08
C GLN A 296 -1.03 -20.67 -25.90
N ASP A 297 -0.76 -21.58 -26.85
CA ASP A 297 0.40 -22.45 -26.72
C ASP A 297 1.71 -21.64 -26.77
N PHE A 298 1.68 -20.53 -27.50
CA PHE A 298 2.80 -19.59 -27.49
C PHE A 298 2.88 -18.82 -26.17
N LEU A 299 1.76 -18.21 -25.79
CA LEU A 299 1.70 -17.44 -24.54
C LEU A 299 2.16 -18.29 -23.37
N ALA A 300 1.85 -19.58 -23.40
CA ALA A 300 2.21 -20.47 -22.30
C ALA A 300 3.72 -20.66 -22.14
N LYS A 301 4.48 -20.30 -23.18
CA LYS A 301 5.92 -20.49 -23.16
C LYS A 301 6.71 -19.29 -22.64
N VAL A 302 6.04 -18.14 -22.45
CA VAL A 302 6.71 -16.94 -21.96
C VAL A 302 6.98 -17.09 -20.46
N VAL A 303 8.24 -16.99 -20.04
CA VAL A 303 8.57 -17.18 -18.63
C VAL A 303 8.22 -15.95 -17.77
N ARG A 304 8.08 -16.14 -16.45
CA ARG A 304 7.67 -15.03 -15.60
C ARG A 304 8.76 -13.99 -15.40
N SER A 305 10.01 -14.38 -15.61
CA SER A 305 11.10 -13.43 -15.49
C SER A 305 11.26 -12.59 -16.77
N SER A 306 10.35 -12.77 -17.71
CA SER A 306 10.38 -12.01 -18.97
C SER A 306 9.19 -11.08 -19.11
N GLU A 307 9.44 -9.87 -19.60
CA GLU A 307 8.34 -8.99 -19.98
C GLU A 307 7.65 -9.54 -21.23
N PHE A 308 6.44 -9.05 -21.51
CA PHE A 308 5.78 -9.38 -22.77
C PHE A 308 4.99 -8.18 -23.26
N GLY A 309 5.16 -7.83 -24.53
CA GLY A 309 4.37 -6.77 -25.10
C GLY A 309 4.43 -6.77 -26.61
N ALA A 310 3.38 -6.30 -27.26
CA ALA A 310 3.35 -6.19 -28.71
C ALA A 310 2.48 -5.01 -29.12
N ASP A 311 2.81 -4.43 -30.28
CA ASP A 311 1.97 -3.42 -30.92
C ASP A 311 1.43 -3.99 -32.21
N ALA A 312 0.16 -3.67 -32.49
CA ALA A 312 -0.44 -4.02 -33.78
C ALA A 312 -0.54 -2.78 -34.64
N PHE A 313 -0.27 -2.92 -35.93
CA PHE A 313 -0.44 -1.81 -36.87
C PHE A 313 -1.45 -2.23 -37.90
N VAL A 314 -2.53 -1.47 -37.98
CA VAL A 314 -3.64 -1.80 -38.86
C VAL A 314 -3.76 -0.76 -39.96
N VAL A 315 -3.63 -1.21 -41.20
CA VAL A 315 -3.61 -0.32 -42.36
C VAL A 315 -5.00 -0.32 -43.01
N VAL A 316 -5.57 0.87 -43.21
CA VAL A 316 -6.88 1.01 -43.84
C VAL A 316 -6.83 2.03 -44.98
N LYS A 317 -7.79 1.94 -45.89
CA LYS A 317 -7.96 2.93 -46.94
C LYS A 317 -9.21 3.77 -46.62
N ARG A 318 -9.09 5.08 -46.75
CA ARG A 318 -10.19 5.98 -46.41
C ARG A 318 -11.09 6.09 -47.63
N ILE A 319 -12.32 5.59 -47.48
CA ILE A 319 -13.19 5.40 -48.64
C ILE A 319 -14.38 6.34 -48.72
N LYS A 320 -14.63 7.13 -47.67
CA LYS A 320 -15.81 7.98 -47.63
C LYS A 320 -15.56 9.26 -46.82
N ALA A 321 -16.21 10.35 -47.19
CA ALA A 321 -16.07 11.59 -46.45
C ALA A 321 -16.83 11.52 -45.12
N GLY A 322 -16.38 12.29 -44.13
CA GLY A 322 -17.04 12.38 -42.83
C GLY A 322 -16.01 12.35 -41.70
N ASP A 323 -16.48 12.27 -40.45
CA ASP A 323 -15.57 12.14 -39.31
C ASP A 323 -15.40 10.65 -39.07
N VAL A 324 -14.19 10.22 -38.74
CA VAL A 324 -13.90 8.80 -38.60
C VAL A 324 -13.16 8.56 -37.28
N ALA A 325 -13.77 7.80 -36.39
CA ALA A 325 -13.20 7.53 -35.08
C ALA A 325 -12.66 6.12 -35.02
N ASN A 326 -11.73 5.88 -34.09
CA ASN A 326 -11.29 4.54 -33.77
C ASN A 326 -10.91 4.40 -32.31
N GLU A 327 -11.06 3.21 -31.76
CA GLU A 327 -10.59 2.91 -30.41
C GLU A 327 -10.34 1.41 -30.45
N TYR A 328 -9.63 0.88 -29.48
CA TYR A 328 -9.46 -0.57 -29.43
C TYR A 328 -9.45 -1.03 -27.99
N THR A 329 -9.65 -2.33 -27.81
CA THR A 329 -9.65 -2.90 -26.48
C THR A 329 -8.69 -4.06 -26.49
N LEU A 330 -7.77 -4.07 -25.51
CA LEU A 330 -6.85 -5.18 -25.36
C LEU A 330 -7.41 -6.06 -24.23
N TYR A 331 -7.36 -7.36 -24.42
CA TYR A 331 -7.76 -8.29 -23.36
C TYR A 331 -6.50 -8.99 -22.89
N VAL A 332 -6.12 -8.76 -21.63
CA VAL A 332 -4.96 -9.45 -21.07
C VAL A 332 -5.45 -10.35 -19.96
N ASN A 333 -5.36 -11.67 -20.13
CA ASN A 333 -5.89 -12.61 -19.16
C ASN A 333 -7.32 -12.24 -18.72
N GLY A 334 -8.17 -11.93 -19.69
CA GLY A 334 -9.56 -11.63 -19.40
C GLY A 334 -9.87 -10.22 -18.95
N ASN A 335 -8.83 -9.39 -18.73
CA ASN A 335 -9.04 -8.00 -18.33
C ASN A 335 -9.15 -7.13 -19.57
N PRO A 336 -10.29 -6.47 -19.76
CA PRO A 336 -10.39 -5.56 -20.91
C PRO A 336 -9.75 -4.22 -20.60
N VAL A 337 -8.92 -3.74 -21.52
CA VAL A 337 -8.24 -2.45 -21.35
C VAL A 337 -8.63 -1.62 -22.56
N LYS A 338 -9.42 -0.57 -22.33
CA LYS A 338 -9.89 0.25 -23.44
C LYS A 338 -8.94 1.40 -23.73
N SER A 339 -8.59 1.58 -25.01
CA SER A 339 -7.67 2.65 -25.39
C SER A 339 -8.40 3.99 -25.42
N ASN A 340 -7.62 5.07 -25.53
CA ASN A 340 -8.18 6.35 -25.92
C ASN A 340 -8.81 6.21 -27.30
N LYS A 341 -9.66 7.17 -27.65
CA LYS A 341 -10.12 7.28 -29.03
C LYS A 341 -9.17 8.17 -29.83
N VAL A 342 -9.23 8.01 -31.15
CA VAL A 342 -8.65 8.97 -32.09
C VAL A 342 -9.71 9.30 -33.14
N THR A 343 -9.56 10.44 -33.81
CA THR A 343 -10.43 10.77 -34.95
C THR A 343 -9.61 11.42 -36.07
N THR A 344 -10.11 11.32 -37.29
CA THR A 344 -9.65 12.15 -38.40
C THR A 344 -10.85 12.51 -39.23
N HIS A 345 -10.71 13.54 -40.05
CA HIS A 345 -11.83 13.96 -40.88
C HIS A 345 -11.48 13.91 -42.35
N THR A 346 -12.44 13.53 -43.17
CA THR A 346 -12.22 13.47 -44.62
C THR A 346 -13.24 14.33 -45.37
N ASN B 12 16.14 -18.81 0.38
CA ASN B 12 16.91 -18.20 -0.69
C ASN B 12 18.22 -17.59 -0.19
N LEU B 13 19.33 -18.13 -0.67
CA LEU B 13 20.67 -17.83 -0.14
C LEU B 13 21.11 -16.36 -0.26
N ILE B 14 20.76 -15.70 -1.35
CA ILE B 14 20.99 -14.25 -1.47
C ILE B 14 19.68 -13.49 -1.24
N GLN B 15 19.66 -12.66 -0.21
CA GLN B 15 18.41 -12.08 0.26
C GLN B 15 18.59 -10.65 0.74
N PRO B 16 18.38 -9.67 -0.15
CA PRO B 16 18.45 -8.26 0.29
C PRO B 16 17.28 -8.00 1.23
N THR B 17 17.49 -7.15 2.23
CA THR B 17 16.45 -6.87 3.21
C THR B 17 16.38 -5.38 3.46
N LYS B 18 15.24 -4.93 3.98
CA LYS B 18 15.14 -3.56 4.49
C LYS B 18 14.27 -3.56 5.75
N THR B 19 14.64 -2.72 6.71
N THR B 19 14.61 -2.72 6.71
CA THR B 19 13.85 -2.53 7.93
CA THR B 19 13.74 -2.54 7.85
C THR B 19 13.54 -1.05 8.07
C THR B 19 13.58 -1.07 8.14
N ILE B 20 12.57 -0.72 8.92
CA ILE B 20 12.36 0.67 9.29
C ILE B 20 12.37 0.70 10.80
N VAL B 21 13.11 1.66 11.36
CA VAL B 21 13.35 1.73 12.79
C VAL B 21 12.90 3.08 13.33
N ASP B 22 12.43 3.11 14.57
CA ASP B 22 12.13 4.40 15.22
C ASP B 22 13.40 5.01 15.82
N ASP B 23 13.27 6.16 16.47
CA ASP B 23 14.45 6.84 17.01
C ASP B 23 14.88 6.21 18.33
N LYS B 24 14.10 5.25 18.80
CA LYS B 24 14.45 4.49 19.99
C LYS B 24 15.08 3.18 19.57
N GLY B 25 15.16 2.96 18.26
CA GLY B 25 15.83 1.79 17.69
C GLY B 25 14.92 0.63 17.30
N GLN B 26 13.68 0.65 17.78
CA GLN B 26 12.73 -0.44 17.55
C GLN B 26 12.24 -0.50 16.10
N SER B 27 11.97 -1.70 15.61
CA SER B 27 11.38 -1.88 14.28
C SER B 27 9.94 -1.40 14.28
N ILE B 28 9.56 -0.63 13.26
CA ILE B 28 8.19 -0.17 13.14
C ILE B 28 7.56 -0.55 11.82
N ASP B 29 8.04 -1.64 11.24
CA ASP B 29 7.43 -2.22 10.06
C ASP B 29 5.97 -2.56 10.35
N GLY B 30 5.07 -2.15 9.46
CA GLY B 30 3.65 -2.38 9.64
C GLY B 30 2.91 -1.33 10.46
N LYS B 31 3.65 -0.37 11.02
CA LYS B 31 3.06 0.62 11.93
C LYS B 31 2.65 1.89 11.20
N SER B 32 1.75 2.65 11.83
CA SER B 32 1.37 3.94 11.27
C SER B 32 2.33 5.06 11.69
N VAL B 33 2.40 6.10 10.86
CA VAL B 33 3.28 7.21 11.10
C VAL B 33 2.50 8.50 10.89
N LEU B 34 3.16 9.64 11.10
CA LEU B 34 2.52 10.94 10.98
C LEU B 34 3.00 11.66 9.72
N PRO B 35 2.26 12.68 9.25
CA PRO B 35 2.65 13.44 8.07
C PRO B 35 4.07 13.99 8.15
N ASN B 36 4.48 14.45 9.34
CA ASN B 36 5.83 15.01 9.46
C ASN B 36 6.90 13.99 9.87
N SER B 37 6.56 12.71 9.87
CA SER B 37 7.50 11.67 10.33
C SER B 37 8.73 11.55 9.43
N THR B 38 9.90 11.31 10.02
CA THR B 38 11.06 10.92 9.22
C THR B 38 11.08 9.41 9.15
N LEU B 39 11.13 8.88 7.93
CA LEU B 39 11.18 7.44 7.74
C LEU B 39 12.62 7.04 7.54
N THR B 40 13.17 6.32 8.51
CA THR B 40 14.57 5.92 8.46
C THR B 40 14.65 4.43 8.22
N TYR B 41 15.18 4.05 7.06
CA TYR B 41 15.28 2.66 6.65
C TYR B 41 16.72 2.19 6.78
N VAL B 42 16.90 0.94 7.18
CA VAL B 42 18.20 0.29 7.12
C VAL B 42 18.11 -0.87 6.15
N ALA B 43 18.87 -0.77 5.05
CA ALA B 43 18.79 -1.74 3.95
C ALA B 43 20.07 -2.52 3.84
N LYS B 44 19.95 -3.82 3.63
CA LYS B 44 21.12 -4.67 3.48
C LYS B 44 21.28 -5.16 2.06
N GLN B 45 22.53 -5.07 1.59
CA GLN B 45 22.93 -5.64 0.32
C GLN B 45 23.74 -6.87 0.67
N ASP B 46 23.20 -8.04 0.33
CA ASP B 46 23.64 -9.30 0.91
C ASP B 46 24.68 -10.00 0.03
N PHE B 47 25.92 -10.07 0.51
CA PHE B 47 26.98 -10.76 -0.22
C PHE B 47 27.50 -12.00 0.51
N ASP B 48 26.92 -12.27 1.67
CA ASP B 48 27.41 -13.33 2.56
C ASP B 48 27.68 -14.67 1.86
N GLN B 49 26.79 -15.07 0.97
CA GLN B 49 26.88 -16.35 0.27
C GLN B 49 27.94 -16.41 -0.83
N TYR B 50 28.43 -15.25 -1.25
CA TYR B 50 29.43 -15.17 -2.32
C TYR B 50 30.84 -15.36 -1.77
N LYS B 51 30.94 -15.38 -0.45
CA LYS B 51 32.22 -15.39 0.23
C LYS B 51 33.06 -16.62 -0.10
N GLY B 52 34.33 -16.41 -0.40
CA GLY B 52 35.24 -17.52 -0.62
C GLY B 52 35.01 -18.24 -1.94
N MET B 53 34.06 -17.76 -2.73
CA MET B 53 33.80 -18.33 -4.04
C MET B 53 34.61 -17.61 -5.12
N THR B 54 34.52 -18.11 -6.34
CA THR B 54 35.32 -17.59 -7.45
C THR B 54 34.46 -17.36 -8.69
N ALA B 55 34.07 -16.13 -8.93
CA ALA B 55 33.22 -15.77 -10.06
C ALA B 55 34.06 -15.44 -11.28
N ALA B 56 33.52 -15.71 -12.47
CA ALA B 56 34.24 -15.45 -13.71
C ALA B 56 34.25 -13.98 -14.10
N LYS B 57 35.20 -13.60 -14.95
CA LYS B 57 35.28 -12.23 -15.49
C LYS B 57 33.96 -11.80 -16.12
N GLU B 58 33.45 -12.66 -16.99
CA GLU B 58 32.22 -12.41 -17.72
C GLU B 58 31.09 -11.99 -16.77
N SER B 59 31.02 -12.67 -15.63
CA SER B 59 30.01 -12.38 -14.62
C SER B 59 30.28 -11.07 -13.89
N VAL B 60 31.51 -10.90 -13.40
CA VAL B 60 31.84 -9.73 -12.60
C VAL B 60 31.61 -8.43 -13.36
N MET B 61 31.92 -8.42 -14.65
CA MET B 61 31.72 -7.23 -15.48
C MET B 61 30.28 -6.74 -15.48
N LYS B 62 29.35 -7.65 -15.22
CA LYS B 62 27.94 -7.29 -15.15
C LYS B 62 27.67 -6.46 -13.89
N GLY B 63 28.62 -6.47 -12.96
CA GLY B 63 28.62 -5.51 -11.86
C GLY B 63 27.65 -5.77 -10.72
N PHE B 64 27.44 -4.74 -9.90
CA PHE B 64 26.68 -4.88 -8.67
C PHE B 64 25.81 -3.66 -8.45
N ILE B 65 24.50 -3.88 -8.50
CA ILE B 65 23.55 -2.81 -8.43
C ILE B 65 22.61 -3.01 -7.25
N TYR B 66 22.35 -1.94 -6.51
CA TYR B 66 21.36 -1.95 -5.44
C TYR B 66 20.31 -0.88 -5.73
N VAL B 67 19.06 -1.24 -5.51
CA VAL B 67 17.94 -0.38 -5.85
C VAL B 67 17.09 -0.16 -4.62
N ASP B 68 16.71 1.08 -4.39
CA ASP B 68 15.68 1.31 -3.42
C ASP B 68 14.45 1.84 -4.15
N ASP B 69 13.40 1.05 -4.14
CA ASP B 69 12.15 1.42 -4.80
C ASP B 69 11.17 1.88 -3.72
N TYR B 70 11.03 3.20 -3.60
CA TYR B 70 10.09 3.78 -2.66
C TYR B 70 8.77 4.09 -3.38
N LYS B 71 7.66 4.11 -2.63
CA LYS B 71 6.36 4.45 -3.22
C LYS B 71 6.34 5.94 -3.52
N ASP B 72 6.43 6.31 -4.80
CA ASP B 72 6.71 7.72 -5.12
C ASP B 72 5.53 8.68 -4.94
N GLU B 73 4.32 8.14 -4.79
CA GLU B 73 3.14 8.94 -4.46
C GLU B 73 3.16 9.35 -2.98
N ALA B 74 3.86 8.57 -2.17
CA ALA B 74 3.83 8.74 -0.71
C ALA B 74 5.12 9.37 -0.18
N ILE B 75 6.24 8.73 -0.50
CA ILE B 75 7.55 9.21 -0.10
C ILE B 75 8.08 10.27 -1.07
N ASP B 76 8.58 11.37 -0.54
CA ASP B 76 9.23 12.37 -1.37
C ASP B 76 10.65 11.88 -1.63
N GLY B 77 10.87 11.27 -2.79
CA GLY B 77 12.20 10.82 -3.17
C GLY B 77 13.27 11.89 -3.04
N HIS B 78 12.90 13.15 -3.30
CA HIS B 78 13.88 14.24 -3.25
C HIS B 78 14.31 14.67 -1.84
N SER B 79 13.63 14.14 -0.83
CA SER B 79 13.99 14.43 0.56
C SER B 79 15.08 13.48 1.08
N LEU B 80 15.51 12.52 0.28
CA LEU B 80 16.45 11.50 0.78
C LEU B 80 17.69 12.11 1.41
N VAL B 81 18.00 11.66 2.62
CA VAL B 81 19.30 11.89 3.24
C VAL B 81 19.97 10.54 3.42
N VAL B 82 21.13 10.36 2.80
CA VAL B 82 21.93 9.16 3.00
C VAL B 82 22.78 9.37 4.24
N ASN B 83 22.35 8.76 5.35
CA ASN B 83 23.09 8.88 6.59
C ASN B 83 24.42 8.15 6.51
N SER B 84 24.42 7.00 5.85
CA SER B 84 25.67 6.25 5.63
C SER B 84 25.46 5.11 4.65
N ILE B 85 26.55 4.72 3.98
CA ILE B 85 26.57 3.49 3.22
C ILE B 85 27.90 2.82 3.55
N LYS B 86 27.81 1.75 4.31
CA LYS B 86 29.01 1.13 4.85
C LYS B 86 29.08 -0.36 4.60
N ALA B 87 30.30 -0.83 4.38
CA ALA B 87 30.54 -2.26 4.31
C ALA B 87 30.56 -2.80 5.73
N ALA B 88 30.42 -4.11 5.87
CA ALA B 88 30.37 -4.74 7.19
C ALA B 88 31.59 -4.41 8.05
N ASN B 89 32.74 -4.21 7.41
CA ASN B 89 33.97 -3.87 8.14
C ASN B 89 34.06 -2.38 8.50
N GLY B 90 32.97 -1.65 8.24
CA GLY B 90 32.91 -0.24 8.57
C GLY B 90 33.37 0.73 7.48
N ASP B 91 33.83 0.20 6.34
CA ASP B 91 34.30 1.06 5.27
C ASP B 91 33.17 1.91 4.73
N ASP B 92 33.39 3.22 4.66
CA ASP B 92 32.48 4.08 3.90
C ASP B 92 32.65 3.75 2.42
N VAL B 93 31.57 3.30 1.76
CA VAL B 93 31.68 2.93 0.36
C VAL B 93 30.95 3.89 -0.58
N THR B 94 30.52 5.04 -0.07
CA THR B 94 29.77 5.98 -0.91
C THR B 94 30.54 6.38 -2.18
N ASN B 95 31.87 6.53 -2.07
CA ASN B 95 32.68 6.91 -3.22
C ASN B 95 32.93 5.76 -4.21
N LEU B 96 32.62 4.52 -3.81
CA LEU B 96 32.73 3.37 -4.71
C LEU B 96 31.47 3.14 -5.57
N LEU B 97 30.44 3.94 -5.33
CA LEU B 97 29.13 3.70 -5.94
C LEU B 97 28.61 4.91 -6.67
N GLU B 98 28.03 4.69 -7.85
CA GLU B 98 27.27 5.73 -8.50
C GLU B 98 25.89 5.75 -7.89
N MET B 99 25.49 6.90 -7.34
N MET B 99 25.49 6.88 -7.30
CA MET B 99 24.15 7.09 -6.81
CA MET B 99 24.13 7.03 -6.81
CA MET B 99 24.21 7.13 -5.54
C MET B 99 23.29 7.79 -7.85
C MET B 99 23.29 7.77 -7.84
N ARG B 100 22.32 7.06 -8.41
CA ARG B 100 21.47 7.64 -9.45
C ARG B 100 20.03 7.72 -9.01
N HIS B 101 19.46 8.93 -9.09
CA HIS B 101 18.05 9.09 -8.80
C HIS B 101 17.31 8.97 -10.13
N VAL B 102 16.63 7.85 -10.34
CA VAL B 102 16.00 7.57 -11.64
C VAL B 102 14.51 7.93 -11.59
N LEU B 103 14.14 9.03 -12.23
CA LEU B 103 12.76 9.49 -12.15
C LEU B 103 11.88 8.81 -13.19
N SER B 104 12.52 8.27 -14.22
CA SER B 104 11.83 7.58 -15.29
C SER B 104 12.85 6.69 -15.99
N GLN B 105 12.44 5.51 -16.42
CA GLN B 105 13.36 4.67 -17.18
C GLN B 105 13.39 5.00 -18.67
N ASP B 106 12.54 5.93 -19.11
CA ASP B 106 12.39 6.19 -20.57
C ASP B 106 13.73 6.37 -21.29
N THR B 107 14.60 7.19 -20.71
CA THR B 107 15.90 7.42 -21.32
C THR B 107 17.04 7.22 -20.32
N LEU B 108 16.78 6.36 -19.34
CA LEU B 108 17.83 5.88 -18.44
C LEU B 108 18.98 5.34 -19.27
N ASP B 109 20.21 5.60 -18.80
CA ASP B 109 21.44 5.02 -19.36
C ASP B 109 21.17 3.64 -19.95
N ASP B 110 21.44 3.50 -21.25
N ASP B 110 21.42 3.49 -21.26
CA ASP B 110 21.15 2.27 -22.00
CA ASP B 110 21.11 2.25 -21.97
C ASP B 110 21.67 1.00 -21.34
C ASP B 110 21.65 1.00 -21.30
N LYS B 111 22.92 1.04 -20.90
CA LYS B 111 23.55 -0.10 -20.25
C LYS B 111 22.81 -0.51 -18.98
N LEU B 112 22.48 0.47 -18.14
CA LEU B 112 21.80 0.18 -16.88
C LEU B 112 20.37 -0.30 -17.10
N LYS B 113 19.70 0.31 -18.07
CA LYS B 113 18.32 -0.07 -18.40
C LYS B 113 18.27 -1.53 -18.86
N ALA B 114 19.16 -1.91 -19.75
CA ALA B 114 19.25 -3.31 -20.22
C ALA B 114 19.54 -4.29 -19.09
N LEU B 115 20.40 -3.90 -18.15
CA LEU B 115 20.67 -4.71 -16.96
C LEU B 115 19.43 -4.95 -16.11
N ILE B 116 18.68 -3.88 -15.85
CA ILE B 116 17.45 -4.00 -15.09
C ILE B 116 16.45 -4.94 -15.77
N LYS B 117 16.23 -4.76 -17.07
CA LYS B 117 15.22 -5.55 -17.78
C LYS B 117 15.55 -7.04 -17.78
N ALA B 118 16.84 -7.34 -17.91
CA ALA B 118 17.30 -8.72 -18.01
C ALA B 118 17.41 -9.41 -16.65
N SER B 119 17.34 -8.62 -15.58
CA SER B 119 17.58 -9.13 -14.24
C SER B 119 16.39 -9.89 -13.68
N GLY B 120 15.20 -9.64 -14.23
CA GLY B 120 13.98 -10.21 -13.68
C GLY B 120 13.32 -9.36 -12.59
N ILE B 121 13.97 -8.27 -12.19
CA ILE B 121 13.36 -7.32 -11.24
C ILE B 121 12.67 -6.17 -11.97
N SER B 122 11.66 -5.58 -11.35
CA SER B 122 10.85 -4.58 -12.03
C SER B 122 10.45 -3.45 -11.09
N PRO B 123 11.31 -2.41 -10.95
CA PRO B 123 10.98 -1.28 -10.07
C PRO B 123 9.77 -0.54 -10.62
N VAL B 124 8.98 0.03 -9.73
CA VAL B 124 7.78 0.77 -10.12
C VAL B 124 8.05 2.27 -9.92
N GLY B 125 7.74 3.08 -10.93
CA GLY B 125 7.94 4.51 -10.80
C GLY B 125 9.37 4.91 -10.51
N GLU B 126 9.53 5.91 -9.65
CA GLU B 126 10.84 6.44 -9.29
C GLU B 126 11.60 5.50 -8.37
N PHE B 127 12.92 5.50 -8.49
CA PHE B 127 13.73 4.70 -7.59
C PHE B 127 15.14 5.27 -7.52
N TYR B 128 15.87 4.88 -6.48
CA TYR B 128 17.30 5.14 -6.42
C TYR B 128 18.04 3.87 -6.78
N MET B 129 19.16 4.03 -7.48
CA MET B 129 20.01 2.89 -7.72
C MET B 129 21.46 3.24 -7.43
N TRP B 130 22.20 2.28 -6.86
CA TRP B 130 23.62 2.45 -6.57
C TRP B 130 24.39 1.42 -7.40
N VAL B 131 25.31 1.90 -8.22
CA VAL B 131 26.06 1.04 -9.15
C VAL B 131 27.53 1.06 -8.79
N ALA B 132 28.11 -0.11 -8.62
CA ALA B 132 29.53 -0.17 -8.31
C ALA B 132 30.32 0.37 -9.50
N LYS B 133 31.19 1.35 -9.23
CA LYS B 133 31.96 2.01 -10.28
C LYS B 133 33.00 1.09 -10.89
N ASP B 134 33.53 0.17 -10.09
CA ASP B 134 34.64 -0.67 -10.49
C ASP B 134 34.28 -2.07 -10.03
N PRO B 135 33.51 -2.80 -10.86
CA PRO B 135 33.02 -4.13 -10.50
C PRO B 135 34.14 -5.05 -10.01
N ALA B 136 35.28 -5.05 -10.71
CA ALA B 136 36.40 -5.91 -10.34
C ALA B 136 36.91 -5.65 -8.92
N ALA B 137 37.10 -4.38 -8.57
CA ALA B 137 37.64 -4.03 -7.26
C ALA B 137 36.58 -4.19 -6.17
N PHE B 138 35.33 -3.87 -6.49
CA PHE B 138 34.23 -4.02 -5.54
C PHE B 138 34.05 -5.50 -5.22
N TYR B 139 34.13 -6.35 -6.24
CA TYR B 139 34.01 -7.78 -6.04
C TYR B 139 35.11 -8.31 -5.13
N LYS B 140 36.33 -7.84 -5.35
CA LYS B 140 37.47 -8.33 -4.61
C LYS B 140 37.43 -7.88 -3.15
N ALA B 141 37.10 -6.62 -2.93
CA ALA B 141 37.16 -6.01 -1.60
C ALA B 141 35.96 -6.35 -0.72
N TYR B 142 34.78 -6.51 -1.32
CA TYR B 142 33.56 -6.68 -0.54
C TYR B 142 32.80 -7.95 -0.85
N VAL B 143 32.45 -8.16 -2.11
CA VAL B 143 31.57 -9.27 -2.48
C VAL B 143 32.22 -10.62 -2.14
N GLN B 144 33.43 -10.82 -2.66
CA GLN B 144 34.15 -12.07 -2.48
C GLN B 144 34.49 -12.35 -1.02
N LYS B 145 34.52 -11.29 -0.21
CA LYS B 145 34.83 -11.42 1.20
C LYS B 145 33.57 -11.54 2.04
N GLY B 146 32.42 -11.58 1.36
CA GLY B 146 31.13 -11.72 2.01
C GLY B 146 30.76 -10.55 2.91
N LEU B 147 31.31 -9.37 2.59
CA LEU B 147 31.06 -8.20 3.40
C LEU B 147 29.80 -7.48 2.90
N ASP B 148 28.70 -7.63 3.65
CA ASP B 148 27.44 -7.01 3.29
C ASP B 148 27.58 -5.50 3.29
N ILE B 149 26.74 -4.81 2.52
CA ILE B 149 26.70 -3.37 2.55
C ILE B 149 25.41 -2.89 3.21
N THR B 150 25.52 -1.96 4.14
CA THR B 150 24.34 -1.44 4.83
C THR B 150 24.06 0.00 4.45
N TYR B 151 22.86 0.26 3.95
CA TYR B 151 22.45 1.60 3.55
C TYR B 151 21.54 2.15 4.66
N ASN B 152 21.88 3.33 5.19
CA ASN B 152 21.06 3.98 6.21
C ASN B 152 20.47 5.23 5.59
N LEU B 153 19.15 5.18 5.37
CA LEU B 153 18.46 6.14 4.51
C LEU B 153 17.30 6.80 5.23
N SER B 154 17.19 8.12 5.12
CA SER B 154 16.09 8.84 5.75
C SER B 154 15.28 9.60 4.73
N PHE B 155 13.97 9.37 4.73
CA PHE B 155 13.07 10.04 3.79
C PHE B 155 11.98 10.79 4.56
N LYS B 156 11.42 11.80 3.91
CA LYS B 156 10.17 12.46 4.35
C LYS B 156 9.03 12.08 3.41
N LEU B 157 7.80 12.29 3.85
CA LEU B 157 6.62 12.06 3.04
C LEU B 157 6.27 13.30 2.22
N LYS B 158 5.60 13.10 1.09
CA LYS B 158 5.12 14.26 0.31
C LYS B 158 3.99 14.96 1.06
N GLN B 159 4.01 16.28 1.06
CA GLN B 159 2.98 17.03 1.77
C GLN B 159 1.57 16.78 1.22
N ASP B 160 1.46 16.51 -0.07
CA ASP B 160 0.14 16.31 -0.68
C ASP B 160 -0.39 14.88 -0.50
N PHE B 161 0.36 14.06 0.24
CA PHE B 161 -0.05 12.69 0.52
C PHE B 161 -0.70 12.65 1.91
N LYS B 162 -2.02 12.60 1.94
CA LYS B 162 -2.76 12.79 3.18
C LYS B 162 -3.08 11.51 3.92
N LYS B 163 -3.14 10.39 3.19
CA LYS B 163 -3.47 9.11 3.80
C LYS B 163 -3.13 7.94 2.88
N GLY B 164 -2.90 6.78 3.47
CA GLY B 164 -2.69 5.57 2.70
C GLY B 164 -1.44 4.80 3.07
N ASP B 165 -1.18 3.73 2.32
CA ASP B 165 -0.02 2.90 2.60
C ASP B 165 1.26 3.51 2.03
N ILE B 166 2.35 3.27 2.73
CA ILE B 166 3.66 3.73 2.32
C ILE B 166 4.47 2.45 2.14
N THR B 167 5.14 2.30 1.00
CA THR B 167 5.95 1.10 0.79
C THR B 167 7.37 1.47 0.42
N ASN B 168 8.29 0.61 0.81
CA ASN B 168 9.67 0.70 0.36
C ASN B 168 10.20 -0.71 0.21
N GLN B 169 10.96 -0.94 -0.85
CA GLN B 169 11.49 -2.26 -1.16
C GLN B 169 12.83 -2.08 -1.82
N THR B 170 13.75 -2.99 -1.55
CA THR B 170 15.03 -2.99 -2.24
C THR B 170 15.18 -4.17 -3.19
N TYR B 171 15.98 -3.97 -4.23
CA TYR B 171 16.36 -5.07 -5.11
C TYR B 171 17.87 -5.08 -5.23
N GLN B 172 18.40 -6.24 -5.55
CA GLN B 172 19.83 -6.42 -5.67
C GLN B 172 20.08 -7.08 -7.01
N ILE B 173 21.03 -6.55 -7.78
CA ILE B 173 21.42 -7.17 -9.05
C ILE B 173 22.92 -7.47 -9.06
N ASP B 174 23.26 -8.75 -8.95
CA ASP B 174 24.64 -9.19 -8.88
C ASP B 174 24.94 -10.05 -10.10
N PHE B 175 26.03 -9.73 -10.78
CA PHE B 175 26.41 -10.46 -12.01
C PHE B 175 25.24 -10.53 -12.99
N GLY B 176 24.35 -9.54 -12.96
CA GLY B 176 23.18 -9.52 -13.83
C GLY B 176 21.98 -10.26 -13.28
N ASN B 177 22.17 -11.01 -12.20
CA ASN B 177 21.08 -11.75 -11.55
C ASN B 177 20.30 -10.85 -10.60
N GLY B 178 18.98 -10.81 -10.73
CA GLY B 178 18.16 -9.95 -9.88
C GLY B 178 17.56 -10.65 -8.67
N TYR B 179 17.54 -9.98 -7.52
CA TYR B 179 16.90 -10.51 -6.31
C TYR B 179 16.01 -9.45 -5.67
N TYR B 180 14.84 -9.86 -5.17
CA TYR B 180 13.94 -8.91 -4.53
C TYR B 180 13.89 -9.05 -3.00
N GLY B 181 13.81 -7.90 -2.33
CA GLY B 181 13.78 -7.87 -0.87
C GLY B 181 12.37 -7.84 -0.34
N ASN B 182 12.24 -7.78 0.98
CA ASN B 182 10.93 -7.71 1.58
C ASN B 182 10.35 -6.32 1.38
N ILE B 183 9.04 -6.23 1.37
CA ILE B 183 8.40 -4.91 1.25
C ILE B 183 8.06 -4.35 2.63
N VAL B 184 8.66 -3.20 2.95
CA VAL B 184 8.40 -2.56 4.22
C VAL B 184 7.14 -1.72 4.05
N VAL B 185 6.16 -1.96 4.91
CA VAL B 185 4.88 -1.28 4.82
C VAL B 185 4.62 -0.42 6.04
N ASN B 186 4.26 0.84 5.81
CA ASN B 186 3.77 1.69 6.89
C ASN B 186 2.46 2.32 6.47
N HIS B 187 1.75 2.90 7.42
CA HIS B 187 0.46 3.51 7.10
C HIS B 187 0.41 4.96 7.56
N LEU B 188 -0.16 5.81 6.74
CA LEU B 188 -0.49 7.15 7.17
C LEU B 188 -1.99 7.19 7.45
N SER B 189 -2.38 7.17 8.72
CA SER B 189 -3.78 7.34 9.10
C SER B 189 -4.07 8.83 9.04
N GLU B 190 -5.13 9.23 8.34
CA GLU B 190 -5.36 10.64 8.11
C GLU B 190 -5.76 11.37 9.38
N LEU B 191 -5.08 12.48 9.66
CA LEU B 191 -5.41 13.28 10.83
C LEU B 191 -6.54 14.23 10.50
N THR B 192 -7.64 14.11 11.24
CA THR B 192 -8.74 15.06 11.13
C THR B 192 -9.24 15.38 12.53
N VAL B 193 -9.76 16.59 12.70
CA VAL B 193 -10.37 17.00 13.96
C VAL B 193 -11.67 17.71 13.63
N HIS B 194 -12.52 17.89 14.63
N HIS B 194 -12.53 17.88 14.63
CA HIS B 194 -13.82 18.53 14.39
CA HIS B 194 -13.84 18.48 14.40
C HIS B 194 -14.14 19.55 15.47
C HIS B 194 -14.17 19.52 15.47
N LYS B 195 -14.91 20.56 15.09
CA LYS B 195 -15.42 21.52 16.04
C LYS B 195 -16.94 21.55 15.97
N ASP B 196 -17.59 21.65 17.13
N ASP B 196 -17.56 21.64 17.15
CA ASP B 196 -19.02 21.87 17.10
CA ASP B 196 -19.01 21.76 17.26
C ASP B 196 -19.38 22.87 18.18
C ASP B 196 -19.32 22.98 18.12
N VAL B 197 -20.56 23.46 18.03
CA VAL B 197 -21.06 24.45 18.97
C VAL B 197 -22.43 23.95 19.45
N PHE B 198 -22.65 24.02 20.76
CA PHE B 198 -23.83 23.46 21.39
C PHE B 198 -24.44 24.48 22.32
N ASP B 199 -25.73 24.29 22.63
N ASP B 199 -25.73 24.33 22.65
CA ASP B 199 -26.41 25.05 23.67
CA ASP B 199 -26.33 25.15 23.70
C ASP B 199 -25.88 24.64 25.04
C ASP B 199 -25.82 24.67 25.05
N LYS B 200 -25.48 23.38 25.12
CA LYS B 200 -24.94 22.82 26.35
C LYS B 200 -24.17 21.55 26.02
N GLU B 201 -23.17 21.24 26.84
CA GLU B 201 -22.41 20.00 26.70
C GLU B 201 -23.43 18.87 26.79
N GLY B 202 -23.43 17.96 25.83
CA GLY B 202 -24.44 16.91 25.87
C GLY B 202 -25.76 17.26 25.20
N GLY B 203 -25.89 18.50 24.73
CA GLY B 203 -27.08 18.93 24.00
C GLY B 203 -26.91 18.76 22.50
N GLN B 204 -27.75 19.45 21.72
CA GLN B 204 -27.72 19.32 20.28
C GLN B 204 -26.89 20.44 19.66
N SER B 205 -26.27 20.15 18.51
CA SER B 205 -25.53 21.17 17.78
C SER B 205 -26.45 22.35 17.45
N ILE B 206 -25.89 23.56 17.54
CA ILE B 206 -26.63 24.75 17.13
C ILE B 206 -25.86 25.52 16.03
N ASN B 207 -25.05 24.80 15.26
CA ASN B 207 -24.35 25.40 14.13
C ASN B 207 -25.33 26.11 13.19
N ALA B 208 -25.01 27.34 12.82
CA ALA B 208 -25.88 28.23 12.03
C ALA B 208 -27.13 28.70 12.78
N GLY B 209 -27.22 28.42 14.08
CA GLY B 209 -28.37 28.84 14.84
C GLY B 209 -28.28 30.27 15.34
N THR B 210 -29.34 30.73 16.00
CA THR B 210 -29.34 32.06 16.60
C THR B 210 -29.15 31.95 18.11
N VAL B 211 -28.17 32.69 18.62
CA VAL B 211 -27.87 32.70 20.04
C VAL B 211 -28.20 34.08 20.62
N LYS B 212 -29.12 34.12 21.57
CA LYS B 212 -29.53 35.41 22.11
C LYS B 212 -28.41 35.98 22.98
N VAL B 213 -28.24 37.29 22.93
CA VAL B 213 -27.15 37.95 23.66
C VAL B 213 -27.27 37.70 25.18
N GLY B 214 -26.14 37.46 25.82
CA GLY B 214 -26.14 37.15 27.25
C GLY B 214 -26.12 35.65 27.52
N ASP B 215 -26.49 34.87 26.50
CA ASP B 215 -26.55 33.44 26.64
C ASP B 215 -25.20 32.74 26.58
N GLU B 216 -25.14 31.53 27.13
N GLU B 216 -25.17 31.52 27.09
CA GLU B 216 -23.92 30.73 27.09
CA GLU B 216 -23.95 30.72 27.13
C GLU B 216 -23.96 29.74 25.95
C GLU B 216 -23.93 29.66 26.02
N VAL B 217 -22.80 29.51 25.33
CA VAL B 217 -22.67 28.44 24.34
C VAL B 217 -21.39 27.66 24.65
N THR B 218 -21.37 26.41 24.21
CA THR B 218 -20.23 25.54 24.49
C THR B 218 -19.65 25.04 23.19
N TYR B 219 -18.36 25.28 22.98
CA TYR B 219 -17.65 24.74 21.83
C TYR B 219 -17.00 23.42 22.21
N ARG B 220 -17.15 22.40 21.37
CA ARG B 220 -16.44 21.16 21.61
C ARG B 220 -15.31 21.07 20.61
N LEU B 221 -14.08 21.07 21.11
CA LEU B 221 -12.93 20.83 20.25
C LEU B 221 -12.65 19.34 20.31
N GLU B 222 -13.00 18.62 19.24
CA GLU B 222 -12.86 17.17 19.26
C GLU B 222 -11.47 16.73 18.79
N GLY B 223 -10.73 16.09 19.70
CA GLY B 223 -9.36 15.70 19.41
C GLY B 223 -9.25 14.48 18.51
N TRP B 224 -8.14 14.39 17.79
CA TRP B 224 -7.86 13.20 16.99
C TRP B 224 -7.49 12.06 17.90
N VAL B 225 -8.05 10.88 17.63
CA VAL B 225 -7.68 9.70 18.40
C VAL B 225 -6.42 9.08 17.81
N VAL B 226 -5.35 9.11 18.60
CA VAL B 226 -4.08 8.47 18.21
C VAL B 226 -4.29 6.97 18.24
N PRO B 227 -4.07 6.29 17.10
CA PRO B 227 -4.39 4.88 16.98
C PRO B 227 -3.33 3.99 17.62
N THR B 228 -3.72 2.76 17.92
CA THR B 228 -2.78 1.73 18.34
C THR B 228 -2.09 1.22 17.09
N ASN B 229 -1.06 0.41 17.27
CA ASN B 229 -0.19 -0.01 16.17
C ASN B 229 0.46 1.15 15.41
N ARG B 230 0.76 2.22 16.15
CA ARG B 230 1.53 3.34 15.62
C ARG B 230 3.02 3.08 15.83
N GLY B 231 3.86 3.85 15.16
CA GLY B 231 5.30 3.66 15.29
C GLY B 231 6.00 4.83 15.94
N TYR B 232 5.31 5.48 16.88
CA TYR B 232 5.85 6.68 17.54
C TYR B 232 5.21 6.86 18.91
N ASP B 233 5.87 7.63 19.76
CA ASP B 233 5.28 7.99 21.04
C ASP B 233 4.83 9.44 20.99
N LEU B 234 4.19 9.90 22.05
CA LEU B 234 3.60 11.25 22.03
C LEU B 234 4.46 12.26 22.78
N THR B 235 4.75 13.37 22.10
CA THR B 235 5.48 14.47 22.72
C THR B 235 4.68 15.76 22.70
N GLU B 236 3.63 15.80 21.90
CA GLU B 236 2.75 16.98 21.85
C GLU B 236 1.30 16.62 21.50
N TYR B 237 0.35 17.19 22.24
CA TYR B 237 -1.07 17.11 21.92
C TYR B 237 -1.69 18.39 22.48
N LYS B 238 -1.82 19.39 21.62
CA LYS B 238 -2.17 20.74 22.03
C LYS B 238 -3.31 21.32 21.19
N PHE B 239 -4.34 21.81 21.86
CA PHE B 239 -5.46 22.51 21.24
C PHE B 239 -5.16 23.99 21.21
N VAL B 240 -5.32 24.61 20.04
CA VAL B 240 -5.12 26.06 19.90
C VAL B 240 -6.39 26.63 19.27
N ASP B 241 -6.94 27.67 19.87
CA ASP B 241 -8.20 28.23 19.39
C ASP B 241 -8.20 29.75 19.51
N GLN B 242 -8.33 30.44 18.38
CA GLN B 242 -8.49 31.88 18.38
C GLN B 242 -9.97 32.17 18.45
N LEU B 243 -10.47 32.43 19.65
CA LEU B 243 -11.88 32.73 19.85
C LEU B 243 -12.18 34.12 19.31
N GLN B 244 -13.38 34.31 18.79
CA GLN B 244 -13.80 35.64 18.37
C GLN B 244 -14.23 36.44 19.59
N HIS B 245 -13.23 36.93 20.35
CA HIS B 245 -13.46 37.45 21.69
C HIS B 245 -14.15 38.81 21.74
N THR B 246 -14.34 39.43 20.59
CA THR B 246 -15.21 40.59 20.47
C THR B 246 -16.66 40.15 20.76
N HIS B 247 -16.97 38.88 20.53
CA HIS B 247 -18.35 38.40 20.67
C HIS B 247 -18.52 37.28 21.70
N ASP B 248 -17.46 36.50 21.89
CA ASP B 248 -17.48 35.36 22.81
C ASP B 248 -16.61 35.67 24.01
N LEU B 249 -17.20 35.65 25.20
CA LEU B 249 -16.44 35.91 26.41
C LEU B 249 -16.14 34.60 27.12
N TYR B 250 -14.88 34.17 27.08
CA TYR B 250 -14.44 32.92 27.68
C TYR B 250 -14.81 32.83 29.16
N GLN B 251 -15.34 31.68 29.56
CA GLN B 251 -15.75 31.45 30.96
C GLN B 251 -14.90 30.37 31.63
N LYS B 252 -14.88 29.18 31.06
CA LYS B 252 -14.15 28.07 31.66
C LYS B 252 -13.93 27.04 30.58
N ASP B 253 -13.14 26.02 30.86
CA ASP B 253 -13.00 24.91 29.94
C ASP B 253 -13.03 23.61 30.71
N LYS B 254 -12.94 22.51 29.98
CA LYS B 254 -12.84 21.20 30.59
C LYS B 254 -12.27 20.27 29.52
N VAL B 255 -11.58 19.23 29.95
CA VAL B 255 -11.02 18.27 28.98
C VAL B 255 -11.23 16.84 29.45
N LEU B 256 -11.70 15.98 28.54
CA LEU B 256 -12.08 14.62 28.90
C LEU B 256 -11.45 13.61 27.97
N ALA B 257 -11.03 12.47 28.52
CA ALA B 257 -10.56 11.36 27.71
C ALA B 257 -11.71 10.84 26.83
N THR B 258 -11.40 10.54 25.57
CA THR B 258 -12.42 10.04 24.67
C THR B 258 -12.21 8.56 24.34
N VAL B 259 -11.17 7.99 24.92
CA VAL B 259 -10.92 6.55 24.85
C VAL B 259 -10.26 6.12 26.16
N ASP B 260 -10.30 4.82 26.44
CA ASP B 260 -9.52 4.26 27.53
C ASP B 260 -8.02 4.42 27.25
N ILE B 261 -7.32 5.02 28.21
CA ILE B 261 -5.89 5.27 28.08
C ILE B 261 -5.09 4.46 29.10
N THR B 262 -4.15 3.67 28.60
CA THR B 262 -3.27 2.88 29.46
C THR B 262 -1.89 3.53 29.56
N LEU B 263 -1.41 3.68 30.79
CA LEU B 263 -0.12 4.29 31.05
C LEU B 263 0.91 3.22 31.37
N SER B 264 2.17 3.62 31.43
CA SER B 264 3.28 2.69 31.57
C SER B 264 3.40 2.05 32.96
N ASP B 265 2.58 2.49 33.91
CA ASP B 265 2.60 1.88 35.23
C ASP B 265 1.53 0.81 35.35
N GLY B 266 0.80 0.58 34.25
CA GLY B 266 -0.26 -0.40 34.24
C GLY B 266 -1.64 0.20 34.45
N SER B 267 -1.70 1.44 34.94
CA SER B 267 -2.99 2.07 35.26
C SER B 267 -3.77 2.51 34.02
N VAL B 268 -5.09 2.53 34.16
CA VAL B 268 -5.96 2.85 33.06
C VAL B 268 -6.78 4.10 33.38
N ILE B 269 -6.76 5.06 32.46
CA ILE B 269 -7.61 6.23 32.58
C ILE B 269 -8.80 6.05 31.65
N THR B 270 -9.98 5.90 32.24
CA THR B 270 -11.16 5.54 31.47
C THR B 270 -11.75 6.68 30.66
N LYS B 271 -12.36 6.30 29.53
CA LYS B 271 -13.14 7.21 28.71
C LYS B 271 -14.08 8.04 29.59
N GLY B 272 -14.03 9.36 29.43
CA GLY B 272 -14.87 10.25 30.23
C GLY B 272 -14.17 10.85 31.43
N THR B 273 -12.99 10.37 31.76
CA THR B 273 -12.23 10.87 32.92
C THR B 273 -11.70 12.26 32.67
N ASP B 274 -11.89 13.15 33.65
CA ASP B 274 -11.36 14.51 33.56
C ASP B 274 -9.85 14.47 33.44
N LEU B 275 -9.27 15.27 32.54
CA LEU B 275 -7.83 15.23 32.32
C LEU B 275 -7.10 16.53 32.68
N ALA B 276 -7.78 17.43 33.38
CA ALA B 276 -7.20 18.71 33.78
C ALA B 276 -5.84 18.59 34.45
N LYS B 277 -5.70 17.63 35.35
CA LYS B 277 -4.45 17.50 36.10
C LYS B 277 -3.25 17.19 35.20
N TYR B 278 -3.52 16.76 33.97
CA TYR B 278 -2.46 16.39 33.04
C TYR B 278 -2.23 17.45 31.97
N THR B 279 -2.91 18.57 32.10
CA THR B 279 -2.89 19.59 31.06
C THR B 279 -2.67 20.98 31.63
N GLU B 280 -2.41 21.92 30.72
CA GLU B 280 -2.24 23.31 31.07
C GLU B 280 -3.10 24.17 30.13
N THR B 281 -4.06 24.89 30.71
CA THR B 281 -4.87 25.83 29.93
C THR B 281 -4.33 27.25 30.10
N VAL B 282 -4.11 27.92 28.98
CA VAL B 282 -3.75 29.33 29.01
C VAL B 282 -4.70 30.05 28.11
N TYR B 283 -5.41 31.02 28.66
CA TYR B 283 -6.27 31.85 27.84
C TYR B 283 -5.87 33.32 27.98
N ASN B 284 -5.51 33.93 26.86
CA ASN B 284 -5.18 35.36 26.86
C ASN B 284 -6.42 36.19 26.58
N LYS B 285 -6.94 36.78 27.65
CA LYS B 285 -8.17 37.57 27.63
C LYS B 285 -8.12 38.74 26.66
N GLU B 286 -6.93 39.33 26.50
CA GLU B 286 -6.77 40.49 25.64
C GLU B 286 -6.81 40.12 24.15
N THR B 287 -6.26 38.97 23.82
CA THR B 287 -6.11 38.60 22.41
C THR B 287 -7.11 37.57 21.93
N GLY B 288 -7.75 36.88 22.87
CA GLY B 288 -8.72 35.84 22.57
C GLY B 288 -8.04 34.52 22.24
N HIS B 289 -6.74 34.43 22.52
CA HIS B 289 -5.97 33.24 22.17
C HIS B 289 -6.06 32.17 23.27
N TYR B 290 -6.60 31.01 22.91
CA TYR B 290 -6.80 29.91 23.84
C TYR B 290 -5.86 28.76 23.48
N GLU B 291 -5.18 28.21 24.49
CA GLU B 291 -4.42 26.98 24.31
C GLU B 291 -4.62 26.01 25.47
N LEU B 292 -4.74 24.73 25.13
CA LEU B 292 -4.75 23.66 26.13
C LEU B 292 -3.73 22.61 25.68
N ALA B 293 -2.71 22.39 26.49
CA ALA B 293 -1.62 21.50 26.11
C ALA B 293 -1.44 20.37 27.11
N PHE B 294 -1.33 19.16 26.61
CA PHE B 294 -0.97 18.07 27.50
C PHE B 294 0.49 18.18 27.95
N LYS B 295 0.73 17.87 29.21
CA LYS B 295 2.07 17.91 29.77
C LYS B 295 2.92 16.79 29.17
N GLN B 296 4.17 17.10 28.84
CA GLN B 296 5.07 16.11 28.26
C GLN B 296 5.29 14.88 29.15
N ASP B 297 5.42 15.10 30.45
CA ASP B 297 5.72 13.98 31.34
C ASP B 297 4.57 12.98 31.36
N PHE B 298 3.35 13.47 31.27
CA PHE B 298 2.17 12.61 31.14
C PHE B 298 2.13 11.89 29.79
N LEU B 299 2.31 12.64 28.70
CA LEU B 299 2.24 12.06 27.36
C LEU B 299 3.24 10.91 27.19
N ALA B 300 4.40 11.05 27.82
CA ALA B 300 5.45 10.04 27.72
C ALA B 300 5.07 8.73 28.39
N LYS B 301 4.05 8.77 29.26
CA LYS B 301 3.62 7.59 30.01
C LYS B 301 2.60 6.78 29.23
N VAL B 302 2.05 7.37 28.17
CA VAL B 302 1.07 6.67 27.34
C VAL B 302 1.77 5.63 26.47
N VAL B 303 1.47 4.35 26.71
CA VAL B 303 2.13 3.26 25.98
C VAL B 303 1.65 3.12 24.53
N ARG B 304 2.54 2.62 23.68
CA ARG B 304 2.29 2.51 22.24
C ARG B 304 1.01 1.76 21.91
N SER B 305 0.69 0.76 22.73
CA SER B 305 -0.43 -0.12 22.46
C SER B 305 -1.75 0.45 22.98
N SER B 306 -1.68 1.69 23.45
CA SER B 306 -2.89 2.37 23.91
C SER B 306 -3.30 3.48 22.95
N GLU B 307 -4.60 3.58 22.68
CA GLU B 307 -5.11 4.75 22.00
C GLU B 307 -4.90 5.96 22.91
N PHE B 308 -4.96 7.13 22.32
CA PHE B 308 -4.98 8.36 23.09
C PHE B 308 -5.89 9.36 22.40
N GLY B 309 -6.77 9.98 23.17
CA GLY B 309 -7.63 11.00 22.62
C GLY B 309 -8.35 11.78 23.69
N ALA B 310 -8.62 13.05 23.41
CA ALA B 310 -9.35 13.89 24.35
C ALA B 310 -10.15 14.93 23.60
N ASP B 311 -11.24 15.38 24.22
CA ASP B 311 -12.01 16.50 23.72
C ASP B 311 -11.95 17.63 24.74
N ALA B 312 -11.87 18.86 24.25
CA ALA B 312 -11.94 20.03 25.10
C ALA B 312 -13.28 20.72 24.90
N PHE B 313 -13.88 21.18 26.00
CA PHE B 313 -15.14 21.89 25.95
C PHE B 313 -14.93 23.28 26.48
N VAL B 314 -15.20 24.27 25.65
CA VAL B 314 -14.89 25.65 25.97
C VAL B 314 -16.20 26.41 26.10
N VAL B 315 -16.44 26.97 27.29
CA VAL B 315 -17.69 27.65 27.58
C VAL B 315 -17.50 29.16 27.44
N VAL B 316 -18.37 29.80 26.68
CA VAL B 316 -18.28 31.24 26.48
C VAL B 316 -19.65 31.85 26.71
N LYS B 317 -19.66 33.15 26.95
CA LYS B 317 -20.91 33.88 26.97
C LYS B 317 -20.92 34.81 25.76
N ARG B 318 -22.07 34.85 25.07
CA ARG B 318 -22.26 35.70 23.92
C ARG B 318 -22.53 37.12 24.41
N ILE B 319 -21.68 38.06 24.01
CA ILE B 319 -21.76 39.42 24.57
C ILE B 319 -22.05 40.52 23.57
N LYS B 320 -22.19 40.18 22.30
CA LYS B 320 -22.36 41.19 21.27
C LYS B 320 -23.12 40.62 20.08
N ALA B 321 -23.91 41.44 19.41
CA ALA B 321 -24.65 41.02 18.22
C ALA B 321 -23.75 40.86 16.97
N GLY B 322 -24.18 40.04 16.01
CA GLY B 322 -23.41 39.81 14.81
C GLY B 322 -23.19 38.32 14.56
N ASP B 323 -22.40 38.00 13.53
CA ASP B 323 -22.09 36.63 13.17
C ASP B 323 -20.81 36.22 13.91
N VAL B 324 -20.80 35.03 14.48
CA VAL B 324 -19.69 34.62 15.33
C VAL B 324 -19.17 33.26 14.85
N ALA B 325 -17.91 33.24 14.40
CA ALA B 325 -17.31 32.03 13.88
C ALA B 325 -16.32 31.41 14.86
N ASN B 326 -16.07 30.11 14.73
CA ASN B 326 -14.97 29.48 15.46
C ASN B 326 -14.35 28.35 14.66
N GLU B 327 -13.07 28.12 14.90
CA GLU B 327 -12.38 26.94 14.38
C GLU B 327 -11.26 26.69 15.38
N TYR B 328 -10.66 25.50 15.33
CA TYR B 328 -9.47 25.27 16.17
C TYR B 328 -8.45 24.41 15.42
N THR B 329 -7.22 24.44 15.91
CA THR B 329 -6.18 23.61 15.34
C THR B 329 -5.58 22.71 16.43
N LEU B 330 -5.48 21.42 16.16
CA LEU B 330 -4.80 20.52 17.08
C LEU B 330 -3.39 20.32 16.56
N TYR B 331 -2.42 20.28 17.48
CA TYR B 331 -1.05 19.93 17.15
C TYR B 331 -0.73 18.58 17.79
N VAL B 332 -0.42 17.59 16.95
CA VAL B 332 -0.05 16.27 17.41
C VAL B 332 1.40 16.03 16.95
N ASN B 333 2.33 15.97 17.90
CA ASN B 333 3.75 15.87 17.59
C ASN B 333 4.18 16.81 16.46
N GLY B 334 3.74 18.07 16.54
CA GLY B 334 4.16 19.07 15.57
C GLY B 334 3.31 19.15 14.31
N ASN B 335 2.39 18.22 14.14
CA ASN B 335 1.50 18.21 12.97
C ASN B 335 0.23 19.01 13.24
N PRO B 336 0.01 20.11 12.50
CA PRO B 336 -1.25 20.84 12.73
C PRO B 336 -2.40 20.16 11.99
N VAL B 337 -3.54 20.10 12.67
CA VAL B 337 -4.77 19.55 12.10
C VAL B 337 -5.85 20.60 12.30
N LYS B 338 -6.36 21.15 11.21
CA LYS B 338 -7.32 22.25 11.33
C LYS B 338 -8.75 21.73 11.29
N SER B 339 -9.57 22.18 12.23
CA SER B 339 -10.95 21.71 12.30
C SER B 339 -11.81 22.42 11.26
N ASN B 340 -13.04 21.93 11.08
CA ASN B 340 -14.06 22.66 10.35
C ASN B 340 -14.37 23.92 11.13
N LYS B 341 -15.01 24.88 10.45
CA LYS B 341 -15.53 26.07 11.13
C LYS B 341 -16.96 25.79 11.61
N VAL B 342 -17.41 26.58 12.59
CA VAL B 342 -18.82 26.65 12.93
C VAL B 342 -19.20 28.12 13.03
N THR B 343 -20.48 28.42 12.89
CA THR B 343 -20.96 29.77 13.17
C THR B 343 -22.27 29.74 13.91
N THR B 344 -22.54 30.84 14.62
CA THR B 344 -23.87 31.17 15.08
C THR B 344 -24.04 32.66 14.89
N HIS B 345 -25.28 33.12 15.02
CA HIS B 345 -25.57 34.54 14.85
C HIS B 345 -26.37 35.08 16.03
N THR B 346 -26.13 36.34 16.38
CA THR B 346 -26.80 36.96 17.51
C THR B 346 -27.45 38.26 17.07
CA CA C . -8.96 -4.31 7.07
CA CA D . 9.03 3.74 -6.87
#